data_8XXU
#
_entry.id   8XXU
#
loop_
_entity.id
_entity.type
_entity.pdbx_description
1 polymer 'Prostaglandin D2 receptor 2'
2 polymer 'Guanine nucleotide-binding protein G(i) subunit alpha-1'
3 polymer 'Guanine nucleotide-binding protein G(I)/G(S)/G(T) subunit beta-1'
4 polymer 'Guanine nucleotide-binding protein G(I)/G(S)/G(O) subunit gamma-2'
5 polymer scFv16
6 non-polymer '[(2~{R})-1-hexadecanoyloxy-3-[oxidanyl-[(2~{S},3~{R},5~{R},6~{S})-2,3,4,5,6-pentakis(oxidanyl)cyclohexyl]oxy-phosphoryl]oxy-propan-2-yl] (~{Z})-octadec-9-enoate'
#
loop_
_entity_poly.entity_id
_entity_poly.type
_entity_poly.pdbx_seq_one_letter_code
_entity_poly.pdbx_strand_id
1 'polypeptide(L)'
;MSANATLKPLCPILEQMSRLQSHSNTSIRYIDHAAVLLHGLASLLGLVENGVILFVVGCRMRQTVVTTWVLHLALSDLLA
SASLPFFTYFLAVGHSWELGTTFCKLHSSIFFLNMFASGFLLSAISLDRCLQVVRPVWAQNHRTVAAAHKVCLVLWALAV
LNTVPYFVFRDTISRLDGRIMCYYNVLLLNPGPDRDATCNSRQVALAVSKFLLAFLVPLAIIASSHAAVSLRLQHRGRRR
PGRFVRLVAAVVAAFALCWGPYHVFSLLEARAHANPGLRPLVWRGLPFVTSLAFFNSVANPVLYVLTCPDMLRKLRRSLR
TVLESVLVDDSELGGAGSSRRRRTSS
;
A
2 'polypeptide(L)'
;MGCTLSAEDKAAVERSKMIDRNLREDGEKAAREVKLLLLGAGESGKNTIVKQMKIIHEAGYSEEECKQYKAVVYSNTIQS
IIAIIRAMGRLKIDFGDSARADDARQLFVLAGAAEEGFMTAELAGVIKRLWKDSGVQACFNRSREYQLNDSAAYYLNDLD
RIAQPNYIPTQQDVLRTRVKTTGIVETHFTFKDLHFKMFDVGAQRSERKKWIHCFEGVTAIIFCVALSDYDLVLAEDEEM
NRMHASMKLFDSICNNKWFTDTSIILFLNKKDLFEEKIKKSPLTICYPEYAGSNTYEEAAAYIQCQFEDLNKRKDTKEIY
THFTCSTDTKNVQFVFDAVTDVIIKNNLKDCGLF
;
B
3 'polypeptide(L)'
;MGSLLQSELDQLRQEAEQLKNQIRDARKACADATLSQITNNIDPVGRIQMRTRRTLRGHLAKIYAMHWGTDSRLLVSASQ
DGKLIIWDSYTTNKVHAIPLRSSWVMTCAYAPSGNYVACGGLDNICSIYNLKTREGNVRVSRELAGHTGYLSCCRFLDDN
QIVTSSGDTTCALWDIETGQQTTTFTGHTGDVMSLSLAPDTRLFVSGACDASAKLWDVREGMCRQTFTGHESDINAICFF
PNGNAFATGSDDATCRLFDLRADQELMTYSHDNIICGITSVSFSKSGRLLLAGYDDFNCNVWDALKADRAGVLAGHDNRV
SCLGVTDDGMAVATGSWDSFLKIWN
;
C
4 'polypeptide(L)' MASNNTASIAQARKLVEQLKMEANIDRIKVSKAAADLMAYCEAHAKEDPLLTPVPASENPFREKKFFCAIL D
5 'polypeptide(L)'
;MVQLVESGGGLVQPGGSRKLSCSASGFAFSSFGMHWVRQAPEKGLEWVAYISSGSGTIYYADTVKGRFTISRDDPKNTLF
LQMTSLRSEDTAMYYCVRSIYYYGSSPFDFWGQGTTLTVSAGGGGSGGGGSGGGGSADIVMTQATSSVPVTPGESVSISC
RSSKSLLHSNGNTYLYWFLQRPGQSPQLLIYRMSNLASGVPDRFSGSGSGTAFTLTISRLEAEDVGVYYCMQHLEYPLTF
GAGTKLEL
;
E
#
# COMPACT_ATOMS: atom_id res chain seq x y z
N LEU A 10 51.56 -11.12 -34.46
CA LEU A 10 51.15 -11.67 -33.17
C LEU A 10 51.96 -11.07 -32.03
N CYS A 11 51.31 -10.80 -30.91
CA CYS A 11 51.99 -10.21 -29.77
C CYS A 11 52.70 -11.31 -28.96
N PRO A 12 53.91 -11.06 -28.48
CA PRO A 12 54.64 -12.12 -27.77
C PRO A 12 53.85 -12.81 -26.67
N ILE A 13 52.94 -12.10 -26.01
CA ILE A 13 52.13 -12.71 -24.96
C ILE A 13 51.31 -13.87 -25.54
N LEU A 14 50.59 -13.60 -26.63
CA LEU A 14 49.79 -14.65 -27.26
C LEU A 14 50.69 -15.76 -27.79
N GLU A 15 51.84 -15.41 -28.35
CA GLU A 15 52.76 -16.41 -28.87
C GLU A 15 53.18 -17.39 -27.78
N GLN A 16 53.56 -16.86 -26.61
CA GLN A 16 53.98 -17.73 -25.51
C GLN A 16 52.81 -18.49 -24.93
N MET A 17 51.62 -17.88 -24.87
CA MET A 17 50.45 -18.59 -24.36
C MET A 17 50.04 -19.73 -25.27
N SER A 18 50.34 -19.61 -26.57
CA SER A 18 49.99 -20.68 -27.51
C SER A 18 50.61 -22.01 -27.09
N ARG A 19 51.83 -21.98 -26.55
CA ARG A 19 52.51 -23.18 -26.09
C ARG A 19 52.52 -23.28 -24.57
N LEU A 20 51.49 -22.74 -23.92
CA LEU A 20 51.40 -22.80 -22.47
C LEU A 20 51.36 -24.25 -22.00
N GLN A 21 52.21 -24.58 -21.03
CA GLN A 21 52.34 -25.96 -20.53
C GLN A 21 51.49 -26.09 -19.27
N SER A 22 50.20 -26.41 -19.46
CA SER A 22 49.30 -26.65 -18.34
C SER A 22 48.37 -27.82 -18.62
N HIS A 23 48.79 -28.76 -19.46
CA HIS A 23 47.99 -29.91 -19.83
C HIS A 23 48.78 -31.18 -19.56
N SER A 24 48.08 -32.19 -19.02
CA SER A 24 48.70 -33.47 -18.72
C SER A 24 47.63 -34.55 -18.75
N ASN A 25 48.07 -35.79 -18.94
CA ASN A 25 47.19 -36.95 -19.03
C ASN A 25 47.61 -37.98 -18.00
N THR A 26 46.66 -38.43 -17.18
CA THR A 26 46.91 -39.44 -16.17
C THR A 26 45.57 -39.93 -15.65
N SER A 27 45.61 -41.05 -14.91
CA SER A 27 44.38 -41.61 -14.37
C SER A 27 43.83 -40.77 -13.23
N ILE A 28 44.70 -40.34 -12.31
CA ILE A 28 44.26 -39.54 -11.19
C ILE A 28 43.81 -38.15 -11.64
N ARG A 29 43.04 -37.49 -10.79
CA ARG A 29 42.54 -36.16 -11.06
C ARG A 29 43.46 -35.11 -10.49
N TYR A 30 43.54 -33.97 -11.18
CA TYR A 30 44.41 -32.87 -10.78
C TYR A 30 43.68 -31.93 -9.84
N ILE A 31 44.46 -31.11 -9.12
CA ILE A 31 43.88 -30.14 -8.20
C ILE A 31 43.29 -28.96 -8.93
N ASP A 32 43.69 -28.70 -10.17
CA ASP A 32 43.09 -27.62 -10.94
C ASP A 32 41.60 -27.87 -11.15
N HIS A 33 41.22 -29.11 -11.45
CA HIS A 33 39.81 -29.44 -11.58
C HIS A 33 39.08 -29.26 -10.26
N ALA A 34 39.73 -29.58 -9.15
CA ALA A 34 39.11 -29.35 -7.84
C ALA A 34 38.87 -27.86 -7.61
N ALA A 35 39.83 -27.02 -7.96
CA ALA A 35 39.64 -25.58 -7.81
C ALA A 35 38.54 -25.07 -8.73
N VAL A 36 38.45 -25.61 -9.95
CA VAL A 36 37.39 -25.21 -10.86
C VAL A 36 36.03 -25.60 -10.31
N LEU A 37 35.93 -26.80 -9.72
CA LEU A 37 34.66 -27.21 -9.13
C LEU A 37 34.31 -26.36 -7.91
N LEU A 38 35.32 -25.98 -7.13
CA LEU A 38 35.06 -25.08 -6.00
C LEU A 38 34.54 -23.73 -6.49
N HIS A 39 35.15 -23.19 -7.54
CA HIS A 39 34.65 -21.95 -8.12
C HIS A 39 33.23 -22.11 -8.63
N GLY A 40 32.93 -23.26 -9.25
CA GLY A 40 31.57 -23.50 -9.72
C GLY A 40 30.57 -23.54 -8.58
N LEU A 41 30.93 -24.21 -7.48
CA LEU A 41 30.04 -24.24 -6.31
C LEU A 41 29.86 -22.84 -5.73
N ALA A 42 30.92 -22.05 -5.69
CA ALA A 42 30.80 -20.67 -5.21
C ALA A 42 29.86 -19.86 -6.09
N SER A 43 29.99 -20.00 -7.41
CA SER A 43 29.10 -19.29 -8.32
C SER A 43 27.66 -19.77 -8.18
N LEU A 44 27.46 -21.06 -7.93
CA LEU A 44 26.11 -21.58 -7.71
C LEU A 44 25.51 -20.99 -6.45
N LEU A 45 26.30 -20.92 -5.36
CA LEU A 45 25.81 -20.29 -4.14
C LEU A 45 25.47 -18.82 -4.38
N GLY A 46 26.31 -18.12 -5.16
CA GLY A 46 26.02 -16.74 -5.49
C GLY A 46 24.73 -16.59 -6.28
N LEU A 47 24.52 -17.47 -7.26
CA LEU A 47 23.27 -17.45 -8.02
C LEU A 47 22.07 -17.68 -7.12
N VAL A 48 22.18 -18.66 -6.20
CA VAL A 48 21.07 -18.93 -5.29
C VAL A 48 20.78 -17.70 -4.44
N GLU A 49 21.81 -17.10 -3.87
CA GLU A 49 21.62 -15.91 -3.04
C GLU A 49 20.98 -14.78 -3.84
N ASN A 50 21.44 -14.56 -5.07
CA ASN A 50 20.89 -13.48 -5.88
C ASN A 50 19.43 -13.74 -6.21
N GLY A 51 19.10 -14.96 -6.63
CA GLY A 51 17.72 -15.27 -6.94
C GLY A 51 16.81 -15.21 -5.73
N VAL A 52 17.36 -15.47 -4.54
CA VAL A 52 16.55 -15.41 -3.33
C VAL A 52 16.31 -13.96 -2.91
N ILE A 53 17.34 -13.12 -3.02
CA ILE A 53 17.20 -11.72 -2.61
C ILE A 53 16.47 -10.87 -3.64
N LEU A 54 16.40 -11.32 -4.90
CA LEU A 54 15.70 -10.55 -5.91
C LEU A 54 14.18 -10.72 -5.81
N PHE A 55 13.70 -11.96 -5.72
CA PHE A 55 12.26 -12.21 -5.71
C PHE A 55 11.59 -11.54 -4.51
N VAL A 56 12.22 -11.61 -3.34
CA VAL A 56 11.64 -10.99 -2.14
C VAL A 56 11.55 -9.48 -2.32
N VAL A 57 12.69 -8.84 -2.64
CA VAL A 57 12.71 -7.40 -2.78
C VAL A 57 11.82 -6.92 -3.92
N GLY A 58 11.49 -7.81 -4.86
CA GLY A 58 10.65 -7.42 -5.98
C GLY A 58 9.15 -7.56 -5.71
N CYS A 59 8.74 -8.70 -5.15
CA CYS A 59 7.33 -9.01 -4.96
C CYS A 59 6.95 -9.12 -3.49
N ARG A 60 7.81 -8.66 -2.58
CA ARG A 60 7.50 -8.67 -1.15
C ARG A 60 7.84 -7.38 -0.43
N MET A 61 8.55 -6.50 -1.19
CA MET A 61 9.09 -5.28 -0.63
C MET A 61 8.89 -4.02 -1.49
N ARG A 62 8.62 -2.87 -0.86
CA ARG A 62 8.39 -1.69 -1.67
C ARG A 62 9.66 -1.33 -2.44
N GLN A 63 9.55 -0.37 -3.35
CA GLN A 63 10.67 0.06 -4.18
C GLN A 63 11.22 1.36 -3.61
N THR A 64 12.19 1.23 -2.70
CA THR A 64 12.90 2.37 -2.15
C THR A 64 14.24 2.54 -2.87
N VAL A 65 15.03 3.49 -2.39
CA VAL A 65 16.35 3.73 -2.99
C VAL A 65 17.30 2.61 -2.62
N VAL A 66 17.38 2.27 -1.33
CA VAL A 66 18.24 1.17 -0.89
C VAL A 66 17.80 -0.13 -1.56
N THR A 67 16.49 -0.35 -1.66
CA THR A 67 16.00 -1.55 -2.33
C THR A 67 16.41 -1.56 -3.80
N THR A 68 16.38 -0.40 -4.45
CA THR A 68 16.79 -0.34 -5.85
C THR A 68 18.27 -0.65 -6.00
N TRP A 69 19.10 -0.10 -5.13
CA TRP A 69 20.53 -0.40 -5.19
C TRP A 69 20.78 -1.88 -4.96
N VAL A 70 20.09 -2.48 -3.98
CA VAL A 70 20.26 -3.90 -3.72
C VAL A 70 19.83 -4.72 -4.93
N LEU A 71 18.72 -4.34 -5.54
CA LEU A 71 18.24 -5.08 -6.72
C LEU A 71 19.25 -4.99 -7.86
N HIS A 72 19.80 -3.80 -8.10
CA HIS A 72 20.78 -3.66 -9.18
C HIS A 72 22.05 -4.46 -8.90
N LEU A 73 22.54 -4.41 -7.66
CA LEU A 73 23.72 -5.18 -7.30
C LEU A 73 23.48 -6.67 -7.46
N ALA A 74 22.33 -7.16 -6.99
CA ALA A 74 22.01 -8.57 -7.13
C ALA A 74 21.87 -8.96 -8.59
N LEU A 75 21.29 -8.08 -9.41
CA LEU A 75 21.15 -8.36 -10.83
C LEU A 75 22.51 -8.49 -11.49
N SER A 76 23.43 -7.57 -11.17
CA SER A 76 24.77 -7.65 -11.74
C SER A 76 25.48 -8.92 -11.30
N ASP A 77 25.42 -9.24 -10.00
CA ASP A 77 26.06 -10.46 -9.52
C ASP A 77 25.48 -11.71 -10.17
N LEU A 78 24.15 -11.74 -10.37
CA LEU A 78 23.52 -12.88 -11.00
C LEU A 78 23.92 -12.99 -12.46
N LEU A 79 23.91 -11.87 -13.18
CA LEU A 79 24.38 -11.86 -14.56
C LEU A 79 25.78 -12.46 -14.65
N ALA A 80 26.69 -12.01 -13.78
CA ALA A 80 28.05 -12.54 -13.80
C ALA A 80 28.05 -14.04 -13.53
N SER A 81 27.56 -14.44 -12.34
CA SER A 81 27.65 -15.84 -11.93
C SER A 81 26.84 -16.77 -12.82
N ALA A 82 25.98 -16.23 -13.69
CA ALA A 82 25.23 -17.08 -14.61
C ALA A 82 25.94 -17.16 -15.97
N SER A 83 26.33 -16.02 -16.52
CA SER A 83 26.98 -16.01 -17.82
C SER A 83 28.32 -16.73 -17.78
N LEU A 84 29.13 -16.47 -16.74
CA LEU A 84 30.50 -16.98 -16.75
C LEU A 84 30.56 -18.50 -16.58
N PRO A 85 30.19 -19.08 -15.42
CA PRO A 85 30.43 -20.52 -15.23
C PRO A 85 29.57 -21.43 -16.09
N PHE A 86 28.25 -21.22 -16.07
CA PHE A 86 27.34 -22.21 -16.64
C PHE A 86 26.97 -21.88 -18.07
N PHE A 87 26.51 -20.69 -18.41
CA PHE A 87 26.26 -20.44 -19.84
C PHE A 87 27.46 -20.87 -20.70
N THR A 88 28.64 -20.41 -20.30
CA THR A 88 29.84 -20.74 -21.06
C THR A 88 30.12 -22.24 -21.15
N TYR A 89 30.09 -22.93 -20.03
CA TYR A 89 30.34 -24.38 -20.04
C TYR A 89 29.32 -25.08 -20.90
N PHE A 90 28.07 -24.61 -20.84
CA PHE A 90 27.02 -25.20 -21.65
C PHE A 90 27.44 -25.10 -23.10
N LEU A 91 27.66 -23.90 -23.60
CA LEU A 91 27.94 -23.79 -25.03
C LEU A 91 29.28 -24.39 -25.42
N ALA A 92 30.09 -24.76 -24.44
CA ALA A 92 31.34 -25.42 -24.76
C ALA A 92 31.02 -26.76 -25.39
N VAL A 93 30.11 -27.50 -24.76
CA VAL A 93 29.68 -28.77 -25.33
C VAL A 93 28.59 -28.54 -26.35
N GLY A 94 27.93 -27.39 -26.29
CA GLY A 94 26.88 -27.07 -27.24
C GLY A 94 27.45 -26.89 -28.62
N HIS A 95 28.64 -26.31 -28.72
CA HIS A 95 29.31 -26.14 -30.01
C HIS A 95 28.39 -25.65 -31.13
N SER A 96 27.91 -24.41 -31.02
CA SER A 96 27.01 -23.87 -32.02
C SER A 96 27.78 -23.27 -33.18
N TRP A 97 27.05 -22.66 -34.14
CA TRP A 97 27.70 -22.05 -35.28
C TRP A 97 28.31 -20.71 -34.91
N GLU A 98 29.49 -20.73 -34.30
CA GLU A 98 30.14 -19.50 -33.88
C GLU A 98 31.64 -19.76 -33.86
N LEU A 99 32.41 -18.77 -33.38
CA LEU A 99 33.85 -18.86 -33.30
C LEU A 99 34.29 -18.71 -31.85
N GLY A 100 35.36 -19.42 -31.49
CA GLY A 100 35.88 -19.33 -30.14
C GLY A 100 36.27 -17.90 -29.76
N THR A 101 36.81 -17.15 -30.71
CA THR A 101 37.13 -15.76 -30.46
C THR A 101 35.93 -14.89 -30.09
N THR A 102 34.78 -15.11 -30.72
CA THR A 102 33.57 -14.38 -30.33
C THR A 102 33.16 -14.74 -28.90
N PHE A 103 33.31 -16.01 -28.53
CA PHE A 103 32.94 -16.41 -27.17
C PHE A 103 33.89 -15.80 -26.15
N CYS A 104 35.18 -15.73 -26.45
CA CYS A 104 36.12 -15.09 -25.54
C CYS A 104 35.86 -13.59 -25.45
N LYS A 105 35.51 -12.95 -26.57
CA LYS A 105 35.12 -11.54 -26.51
C LYS A 105 33.89 -11.35 -25.63
N LEU A 106 32.89 -12.23 -25.77
CA LEU A 106 31.70 -12.13 -24.93
C LEU A 106 32.05 -12.30 -23.46
N HIS A 107 32.90 -13.28 -23.15
CA HIS A 107 33.34 -13.50 -21.77
C HIS A 107 34.00 -12.24 -21.21
N SER A 108 34.99 -11.72 -21.94
CA SER A 108 35.69 -10.52 -21.47
C SER A 108 34.72 -9.36 -21.26
N SER A 109 33.85 -9.13 -22.24
CA SER A 109 32.91 -8.01 -22.14
C SER A 109 32.01 -8.17 -20.93
N ILE A 110 31.42 -9.34 -20.73
CA ILE A 110 30.50 -9.53 -19.62
C ILE A 110 31.24 -9.41 -18.29
N PHE A 111 32.44 -9.97 -18.20
CA PHE A 111 33.19 -9.90 -16.95
C PHE A 111 33.52 -8.46 -16.58
N PHE A 112 34.07 -7.71 -17.53
CA PHE A 112 34.45 -6.32 -17.24
C PHE A 112 33.21 -5.46 -16.99
N LEU A 113 32.12 -5.74 -17.70
CA LEU A 113 30.89 -4.99 -17.47
C LEU A 113 30.38 -5.22 -16.05
N ASN A 114 30.34 -6.48 -15.62
CA ASN A 114 29.89 -6.78 -14.26
C ASN A 114 30.81 -6.15 -13.22
N MET A 115 32.13 -6.20 -13.46
CA MET A 115 33.07 -5.60 -12.52
C MET A 115 32.83 -4.09 -12.39
N PHE A 116 32.76 -3.39 -13.53
CA PHE A 116 32.53 -1.95 -13.48
C PHE A 116 31.18 -1.63 -12.88
N ALA A 117 30.16 -2.44 -13.16
CA ALA A 117 28.84 -2.18 -12.60
C ALA A 117 28.85 -2.31 -11.08
N SER A 118 29.47 -3.38 -10.58
CA SER A 118 29.57 -3.56 -9.13
C SER A 118 30.34 -2.41 -8.49
N GLY A 119 31.47 -2.02 -9.10
CA GLY A 119 32.24 -0.92 -8.56
C GLY A 119 31.45 0.38 -8.51
N PHE A 120 30.77 0.70 -9.60
CA PHE A 120 30.00 1.94 -9.65
C PHE A 120 28.83 1.91 -8.68
N LEU A 121 28.18 0.75 -8.53
CA LEU A 121 27.09 0.65 -7.58
C LEU A 121 27.57 0.84 -6.15
N LEU A 122 28.71 0.21 -5.80
CA LEU A 122 29.26 0.42 -4.47
C LEU A 122 29.63 1.88 -4.24
N SER A 123 30.26 2.51 -5.24
CA SER A 123 30.62 3.92 -5.10
C SER A 123 29.38 4.78 -4.92
N ALA A 124 28.31 4.52 -5.68
CA ALA A 124 27.10 5.31 -5.56
C ALA A 124 26.43 5.10 -4.22
N ILE A 125 26.43 3.87 -3.71
CA ILE A 125 25.86 3.62 -2.38
C ILE A 125 26.64 4.36 -1.32
N SER A 126 27.98 4.34 -1.41
CA SER A 126 28.79 5.06 -0.43
C SER A 126 28.55 6.56 -0.51
N LEU A 127 28.45 7.10 -1.72
CA LEU A 127 28.20 8.54 -1.86
C LEU A 127 26.82 8.91 -1.33
N ASP A 128 25.83 8.05 -1.56
CA ASP A 128 24.49 8.31 -1.04
C ASP A 128 24.49 8.29 0.49
N ARG A 129 25.20 7.33 1.09
CA ARG A 129 25.30 7.30 2.55
C ARG A 129 26.00 8.55 3.07
N CYS A 130 27.07 8.97 2.40
CA CYS A 130 27.77 10.18 2.83
C CYS A 130 26.87 11.41 2.74
N LEU A 131 26.09 11.52 1.66
CA LEU A 131 25.18 12.65 1.52
C LEU A 131 24.09 12.62 2.59
N GLN A 132 23.56 11.43 2.89
CA GLN A 132 22.53 11.33 3.92
C GLN A 132 23.10 11.69 5.29
N VAL A 133 24.35 11.34 5.55
CA VAL A 133 24.95 11.65 6.85
C VAL A 133 25.34 13.12 6.95
N VAL A 134 25.72 13.74 5.83
CA VAL A 134 26.16 15.13 5.83
C VAL A 134 25.02 16.07 5.42
N ARG A 135 24.26 15.70 4.40
CA ARG A 135 23.15 16.51 3.89
C ARG A 135 21.85 15.73 4.03
N PRO A 136 21.34 15.59 5.26
CA PRO A 136 20.10 14.83 5.43
C PRO A 136 18.88 15.54 4.87
N VAL A 137 18.77 16.86 5.08
CA VAL A 137 17.61 17.60 4.61
C VAL A 137 17.58 17.60 3.09
N TRP A 138 18.69 17.97 2.45
CA TRP A 138 18.75 18.00 0.99
C TRP A 138 18.49 16.61 0.41
N ALA A 139 19.04 15.58 1.05
CA ALA A 139 18.83 14.22 0.56
C ALA A 139 17.35 13.84 0.64
N GLN A 140 16.73 14.04 1.80
CA GLN A 140 15.32 13.69 1.96
C GLN A 140 14.44 14.51 1.03
N ASN A 141 14.86 15.72 0.66
CA ASN A 141 14.07 16.56 -0.21
C ASN A 141 14.28 16.27 -1.68
N HIS A 142 15.41 15.62 -1.99
CA HIS A 142 15.80 15.42 -3.34
C HIS A 142 16.14 14.04 -3.75
N ARG A 143 16.44 13.17 -2.86
CA ARG A 143 16.67 11.76 -3.14
C ARG A 143 15.35 11.05 -3.41
N THR A 144 15.26 10.39 -4.57
CA THR A 144 14.06 9.67 -4.96
C THR A 144 14.47 8.40 -5.71
N VAL A 145 13.46 7.59 -6.06
CA VAL A 145 13.72 6.34 -6.75
C VAL A 145 14.06 6.60 -8.21
N ALA A 146 13.40 7.58 -8.83
CA ALA A 146 13.68 7.90 -10.22
C ALA A 146 15.13 8.33 -10.39
N ALA A 147 15.63 9.17 -9.48
CA ALA A 147 17.02 9.58 -9.55
C ALA A 147 17.96 8.40 -9.39
N ALA A 148 17.62 7.45 -8.50
CA ALA A 148 18.44 6.27 -8.32
C ALA A 148 18.49 5.44 -9.61
N HIS A 149 17.34 5.25 -10.25
CA HIS A 149 17.32 4.47 -11.49
C HIS A 149 18.09 5.19 -12.59
N LYS A 150 17.98 6.52 -12.66
CA LYS A 150 18.74 7.27 -13.67
C LYS A 150 20.24 7.14 -13.44
N VAL A 151 20.67 7.24 -12.18
CA VAL A 151 22.08 7.08 -11.86
C VAL A 151 22.55 5.68 -12.22
N CYS A 152 21.72 4.66 -11.94
CA CYS A 152 22.10 3.29 -12.28
C CYS A 152 22.25 3.13 -13.78
N LEU A 153 21.32 3.70 -14.56
CA LEU A 153 21.41 3.61 -16.01
C LEU A 153 22.66 4.31 -16.53
N VAL A 154 22.97 5.49 -15.98
CA VAL A 154 24.16 6.20 -16.40
C VAL A 154 25.42 5.40 -16.08
N LEU A 155 25.45 4.77 -14.91
CA LEU A 155 26.60 3.96 -14.53
C LEU A 155 26.74 2.75 -15.44
N TRP A 156 25.62 2.10 -15.79
CA TRP A 156 25.68 0.97 -16.72
C TRP A 156 26.17 1.43 -18.09
N ALA A 157 25.73 2.60 -18.55
CA ALA A 157 26.20 3.11 -19.83
C ALA A 157 27.69 3.38 -19.79
N LEU A 158 28.18 3.99 -18.70
CA LEU A 158 29.61 4.25 -18.58
C LEU A 158 30.39 2.94 -18.54
N ALA A 159 29.86 1.92 -17.86
CA ALA A 159 30.53 0.62 -17.81
C ALA A 159 30.60 0.00 -19.20
N VAL A 160 29.51 0.07 -19.97
CA VAL A 160 29.53 -0.45 -21.33
C VAL A 160 30.54 0.30 -22.18
N LEU A 161 30.61 1.62 -22.02
CA LEU A 161 31.56 2.42 -22.78
C LEU A 161 32.99 2.04 -22.44
N ASN A 162 33.28 1.82 -21.16
CA ASN A 162 34.63 1.45 -20.74
C ASN A 162 34.97 0.01 -21.12
N THR A 163 33.97 -0.86 -21.29
CA THR A 163 34.23 -2.22 -21.71
C THR A 163 34.40 -2.33 -23.22
N VAL A 164 33.79 -1.43 -23.99
CA VAL A 164 33.93 -1.46 -25.43
C VAL A 164 35.38 -1.61 -25.86
N PRO A 165 36.33 -0.82 -25.35
CA PRO A 165 37.75 -1.05 -25.70
C PRO A 165 38.22 -2.46 -25.40
N TYR A 166 37.59 -3.16 -24.46
CA TYR A 166 37.98 -4.53 -24.14
C TYR A 166 37.24 -5.56 -25.00
N PHE A 167 36.02 -5.24 -25.45
CA PHE A 167 35.29 -6.14 -26.31
C PHE A 167 35.97 -6.30 -27.66
N VAL A 168 36.61 -5.22 -28.15
CA VAL A 168 37.24 -5.25 -29.46
C VAL A 168 38.61 -5.90 -29.46
N PHE A 169 39.16 -6.21 -28.29
CA PHE A 169 40.50 -6.78 -28.17
C PHE A 169 40.41 -8.15 -27.48
N ARG A 170 40.33 -9.20 -28.30
CA ARG A 170 40.35 -10.57 -27.79
C ARG A 170 40.60 -11.53 -28.94
N ASP A 171 41.61 -12.39 -28.81
CA ASP A 171 42.03 -13.29 -29.88
C ASP A 171 42.22 -14.71 -29.34
N THR A 172 41.23 -15.20 -28.60
CA THR A 172 41.28 -16.56 -28.08
C THR A 172 41.00 -17.64 -29.11
N ILE A 173 41.44 -18.86 -28.81
CA ILE A 173 41.22 -19.99 -29.72
C ILE A 173 39.85 -20.60 -29.49
N SER A 174 39.59 -21.07 -28.27
CA SER A 174 38.32 -21.68 -27.94
C SER A 174 38.18 -21.73 -26.42
N ASP A 177 35.20 -25.67 -20.10
CA ASP A 177 35.38 -25.75 -18.66
C ASP A 177 36.66 -26.53 -18.32
N GLY A 178 37.23 -26.20 -17.17
CA GLY A 178 38.48 -26.80 -16.76
C GLY A 178 39.67 -26.23 -17.52
N ARG A 179 39.72 -26.48 -18.83
CA ARG A 179 40.75 -25.92 -19.70
C ARG A 179 40.21 -24.66 -20.36
N ILE A 180 40.04 -23.63 -19.53
CA ILE A 180 39.47 -22.36 -19.96
C ILE A 180 40.61 -21.45 -20.41
N MET A 181 40.46 -20.85 -21.59
CA MET A 181 41.43 -19.92 -22.12
C MET A 181 40.72 -18.82 -22.87
N CYS A 182 40.99 -17.56 -22.47
CA CYS A 182 40.43 -16.40 -23.16
C CYS A 182 41.48 -15.30 -23.06
N TYR A 183 42.31 -15.20 -24.10
CA TYR A 183 43.48 -14.35 -24.06
C TYR A 183 43.12 -12.88 -24.28
N TYR A 184 44.06 -12.00 -23.95
CA TYR A 184 43.90 -10.56 -24.08
C TYR A 184 44.93 -10.07 -25.09
N ASN A 185 44.52 -9.97 -26.35
CA ASN A 185 45.38 -9.51 -27.43
C ASN A 185 44.67 -8.40 -28.19
N VAL A 186 45.39 -7.30 -28.44
CA VAL A 186 44.82 -6.15 -29.12
C VAL A 186 45.01 -6.20 -30.64
N LEU A 187 45.87 -7.10 -31.14
CA LEU A 187 46.10 -7.19 -32.57
C LEU A 187 44.92 -7.79 -33.33
N LEU A 188 43.86 -8.22 -32.64
CA LEU A 188 42.71 -8.78 -33.33
C LEU A 188 42.08 -7.76 -34.26
N LEU A 189 42.02 -6.50 -33.85
CA LEU A 189 41.39 -5.46 -34.66
C LEU A 189 42.10 -4.12 -34.54
N ASN A 190 42.11 -3.38 -35.65
CA ASN A 190 42.72 -2.06 -35.70
C ASN A 190 44.16 -2.12 -35.21
N PRO A 191 45.06 -2.73 -35.99
CA PRO A 191 46.48 -2.77 -35.57
C PRO A 191 47.15 -1.41 -35.67
N GLY A 192 48.44 -1.36 -35.34
CA GLY A 192 49.19 -0.12 -35.37
C GLY A 192 50.45 -0.24 -36.21
N PRO A 193 51.36 0.73 -36.06
CA PRO A 193 52.61 0.70 -36.83
C PRO A 193 53.38 -0.60 -36.64
N ASP A 194 53.68 -0.94 -35.39
CA ASP A 194 54.38 -2.17 -35.05
C ASP A 194 53.54 -2.98 -34.08
N ARG A 195 53.80 -4.29 -34.02
CA ARG A 195 53.01 -5.16 -33.17
C ARG A 195 53.47 -5.09 -31.72
N ASP A 196 54.78 -5.12 -31.49
CA ASP A 196 55.31 -5.23 -30.13
C ASP A 196 54.96 -3.99 -29.31
N ALA A 197 55.41 -2.82 -29.75
CA ALA A 197 55.22 -1.61 -28.96
C ALA A 197 53.75 -1.25 -28.84
N THR A 198 52.99 -1.40 -29.91
CA THR A 198 51.56 -1.09 -29.87
C THR A 198 50.84 -2.03 -28.90
N CYS A 199 51.14 -3.33 -28.99
CA CYS A 199 50.55 -4.28 -28.05
C CYS A 199 50.86 -3.91 -26.62
N ASN A 200 52.13 -3.61 -26.33
CA ASN A 200 52.52 -3.26 -24.98
C ASN A 200 51.76 -2.02 -24.50
N SER A 201 51.77 -0.97 -25.30
CA SER A 201 51.13 0.28 -24.89
C SER A 201 49.64 0.09 -24.66
N ARG A 202 48.96 -0.60 -25.58
CA ARG A 202 47.52 -0.77 -25.44
C ARG A 202 47.18 -1.67 -24.26
N GLN A 203 47.97 -2.71 -24.01
CA GLN A 203 47.72 -3.56 -22.86
C GLN A 203 47.91 -2.79 -21.56
N VAL A 204 48.98 -1.98 -21.48
CA VAL A 204 49.20 -1.19 -20.27
C VAL A 204 48.07 -0.19 -20.08
N ALA A 205 47.61 0.43 -21.17
CA ALA A 205 46.52 1.40 -21.06
C ALA A 205 45.25 0.73 -20.57
N LEU A 206 44.90 -0.43 -21.15
CA LEU A 206 43.72 -1.16 -20.72
C LEU A 206 43.82 -1.55 -19.25
N ALA A 207 44.98 -2.05 -18.84
CA ALA A 207 45.16 -2.45 -17.45
C ALA A 207 44.98 -1.27 -16.50
N VAL A 208 45.64 -0.15 -16.80
CA VAL A 208 45.54 1.03 -15.96
C VAL A 208 44.10 1.52 -15.91
N SER A 209 43.40 1.49 -17.05
CA SER A 209 42.02 1.98 -17.08
C SER A 209 41.12 1.11 -16.21
N LYS A 210 41.19 -0.21 -16.38
CA LYS A 210 40.33 -1.08 -15.59
C LYS A 210 40.69 -1.01 -14.11
N PHE A 211 41.97 -0.81 -13.79
CA PHE A 211 42.38 -0.66 -12.40
C PHE A 211 41.76 0.61 -11.80
N LEU A 212 41.92 1.73 -12.49
CA LEU A 212 41.39 2.99 -11.99
C LEU A 212 39.87 2.96 -11.89
N LEU A 213 39.20 2.22 -12.78
CA LEU A 213 37.74 2.20 -12.80
C LEU A 213 37.13 1.21 -11.82
N ALA A 214 37.81 0.10 -11.52
CA ALA A 214 37.24 -0.97 -10.72
C ALA A 214 37.77 -0.98 -9.28
N PHE A 215 39.07 -0.76 -9.09
CA PHE A 215 39.69 -0.91 -7.77
C PHE A 215 40.03 0.42 -7.12
N LEU A 216 40.80 1.28 -7.80
CA LEU A 216 41.32 2.48 -7.14
C LEU A 216 40.21 3.47 -6.83
N VAL A 217 39.51 3.95 -7.86
CA VAL A 217 38.51 5.00 -7.64
C VAL A 217 37.36 4.53 -6.78
N PRO A 218 36.75 3.37 -7.01
CA PRO A 218 35.64 2.94 -6.16
C PRO A 218 36.05 2.75 -4.71
N LEU A 219 37.15 2.04 -4.46
CA LEU A 219 37.60 1.83 -3.09
C LEU A 219 37.96 3.14 -2.42
N ALA A 220 38.57 4.06 -3.16
CA ALA A 220 38.92 5.35 -2.60
C ALA A 220 37.67 6.15 -2.23
N ILE A 221 36.65 6.12 -3.09
CA ILE A 221 35.41 6.83 -2.78
C ILE A 221 34.74 6.20 -1.56
N ILE A 222 34.74 4.87 -1.47
CA ILE A 222 34.15 4.20 -0.31
C ILE A 222 34.86 4.61 0.97
N ALA A 223 36.19 4.59 0.94
CA ALA A 223 36.97 4.96 2.12
C ALA A 223 36.73 6.42 2.49
N SER A 224 36.65 7.31 1.50
CA SER A 224 36.42 8.72 1.79
C SER A 224 35.04 8.92 2.40
N SER A 225 34.02 8.24 1.87
CA SER A 225 32.68 8.36 2.44
C SER A 225 32.65 7.85 3.87
N HIS A 226 33.30 6.71 4.13
CA HIS A 226 33.32 6.17 5.48
C HIS A 226 34.03 7.10 6.44
N ALA A 227 35.18 7.67 6.01
CA ALA A 227 35.90 8.59 6.88
C ALA A 227 35.09 9.85 7.13
N ALA A 228 34.38 10.35 6.12
CA ALA A 228 33.54 11.53 6.31
C ALA A 228 32.42 11.25 7.29
N VAL A 229 31.78 10.08 7.17
CA VAL A 229 30.71 9.72 8.11
C VAL A 229 31.27 9.62 9.52
N SER A 230 32.44 9.01 9.67
CA SER A 230 33.04 8.87 11.00
C SER A 230 33.36 10.24 11.60
N LEU A 231 33.96 11.12 10.81
CA LEU A 231 34.29 12.46 11.31
C LEU A 231 33.03 13.24 11.65
N ARG A 232 31.98 13.11 10.85
CA ARG A 232 30.74 13.82 11.14
C ARG A 232 30.12 13.31 12.44
N LEU A 233 30.07 12.00 12.63
CA LEU A 233 29.53 11.45 13.87
C LEU A 233 30.37 11.83 15.07
N GLN A 234 31.69 11.95 14.90
CA GLN A 234 32.56 12.33 16.01
C GLN A 234 32.39 13.80 16.36
N HIS A 235 32.20 14.65 15.35
CA HIS A 235 32.05 16.08 15.60
C HIS A 235 30.68 16.40 16.19
N ARG A 236 29.64 15.73 15.69
CA ARG A 236 28.28 15.96 16.18
C ARG A 236 28.05 15.40 17.58
N GLY A 237 29.02 14.70 18.15
CA GLY A 237 28.91 14.16 19.49
C GLY A 237 28.44 12.72 19.56
N ARG A 238 27.97 12.16 18.44
CA ARG A 238 27.49 10.79 18.46
C ARG A 238 28.66 9.81 18.66
N ARG A 239 28.31 8.56 18.94
CA ARG A 239 29.29 7.52 19.24
C ARG A 239 29.16 6.41 18.22
N ARG A 240 30.28 6.05 17.59
CA ARG A 240 30.31 4.96 16.61
C ARG A 240 30.25 3.61 17.31
N PRO A 241 29.17 2.84 17.16
CA PRO A 241 29.14 1.50 17.75
C PRO A 241 30.10 0.57 17.03
N GLY A 242 30.33 -0.60 17.64
CA GLY A 242 31.16 -1.61 17.01
C GLY A 242 30.61 -2.10 15.70
N ARG A 243 29.29 -2.08 15.53
CA ARG A 243 28.69 -2.56 14.29
C ARG A 243 29.12 -1.70 13.10
N PHE A 244 29.14 -0.38 13.27
CA PHE A 244 29.51 0.50 12.16
C PHE A 244 30.95 0.22 11.71
N VAL A 245 31.89 0.22 12.65
CA VAL A 245 33.29 0.00 12.29
C VAL A 245 33.49 -1.40 11.72
N ARG A 246 32.77 -2.40 12.26
CA ARG A 246 32.90 -3.75 11.75
C ARG A 246 32.40 -3.84 10.31
N LEU A 247 31.25 -3.24 10.03
CA LEU A 247 30.72 -3.26 8.67
C LEU A 247 31.64 -2.51 7.71
N VAL A 248 32.21 -1.40 8.16
CA VAL A 248 33.14 -0.65 7.30
C VAL A 248 34.36 -1.51 6.98
N ALA A 249 34.97 -2.10 8.01
CA ALA A 249 36.14 -2.93 7.81
C ALA A 249 35.83 -4.10 6.90
N ALA A 250 34.64 -4.68 7.03
CA ALA A 250 34.27 -5.82 6.18
C ALA A 250 34.09 -5.37 4.74
N VAL A 251 33.32 -4.30 4.51
CA VAL A 251 33.09 -3.83 3.15
C VAL A 251 34.41 -3.45 2.49
N VAL A 252 35.39 -3.01 3.27
CA VAL A 252 36.69 -2.67 2.69
C VAL A 252 37.50 -3.92 2.39
N ALA A 253 37.64 -4.81 3.39
CA ALA A 253 38.55 -5.95 3.25
C ALA A 253 38.04 -6.95 2.22
N ALA A 254 36.73 -7.22 2.21
CA ALA A 254 36.19 -8.15 1.22
C ALA A 254 36.43 -7.63 -0.19
N PHE A 255 36.04 -6.37 -0.45
CA PHE A 255 36.26 -5.78 -1.77
C PHE A 255 37.73 -5.83 -2.17
N ALA A 256 38.63 -5.49 -1.23
CA ALA A 256 40.05 -5.54 -1.53
C ALA A 256 40.48 -6.95 -1.90
N LEU A 257 40.38 -7.88 -0.95
CA LEU A 257 40.81 -9.25 -1.19
C LEU A 257 40.16 -9.85 -2.43
N CYS A 258 39.02 -9.33 -2.87
CA CYS A 258 38.38 -9.88 -4.06
C CYS A 258 38.95 -9.29 -5.33
N TRP A 259 39.04 -7.96 -5.42
CA TRP A 259 39.36 -7.30 -6.68
C TRP A 259 40.84 -6.95 -6.83
N GLY A 260 41.52 -6.52 -5.76
CA GLY A 260 42.89 -6.11 -5.83
C GLY A 260 43.78 -7.08 -6.58
N PRO A 261 43.87 -8.31 -6.08
CA PRO A 261 44.78 -9.30 -6.72
C PRO A 261 44.60 -9.41 -8.22
N TYR A 262 43.37 -9.30 -8.73
CA TYR A 262 43.15 -9.38 -10.16
C TYR A 262 43.92 -8.29 -10.91
N HIS A 263 43.73 -7.03 -10.51
CA HIS A 263 44.44 -5.94 -11.18
C HIS A 263 45.93 -5.99 -10.90
N VAL A 264 46.33 -6.47 -9.72
CA VAL A 264 47.75 -6.61 -9.43
C VAL A 264 48.41 -7.57 -10.42
N PHE A 265 47.79 -8.73 -10.63
CA PHE A 265 48.34 -9.69 -11.59
C PHE A 265 48.23 -9.17 -13.02
N SER A 266 47.19 -8.40 -13.33
CA SER A 266 47.09 -7.80 -14.66
C SER A 266 48.26 -6.86 -14.92
N LEU A 267 48.59 -6.02 -13.93
CA LEU A 267 49.73 -5.11 -14.08
C LEU A 267 51.04 -5.88 -14.14
N LEU A 268 51.17 -6.94 -13.32
CA LEU A 268 52.37 -7.77 -13.39
C LEU A 268 52.53 -8.37 -14.78
N GLU A 269 51.45 -8.81 -15.39
CA GLU A 269 51.52 -9.36 -16.74
C GLU A 269 51.89 -8.28 -17.75
N ALA A 270 51.23 -7.12 -17.68
CA ALA A 270 51.55 -6.02 -18.58
C ALA A 270 53.02 -5.65 -18.50
N ARG A 271 53.60 -5.68 -17.29
CA ARG A 271 55.02 -5.39 -17.13
C ARG A 271 55.87 -6.53 -17.65
N ALA A 272 55.39 -7.77 -17.51
CA ALA A 272 56.14 -8.94 -17.97
C ALA A 272 56.19 -9.05 -19.47
N HIS A 273 55.49 -8.20 -20.21
CA HIS A 273 55.53 -8.20 -21.67
C HIS A 273 56.97 -8.21 -22.15
N ALA A 274 57.81 -7.36 -21.55
CA ALA A 274 59.23 -7.33 -21.87
C ALA A 274 60.05 -8.25 -20.98
N ASN A 275 59.57 -8.53 -19.76
CA ASN A 275 60.25 -9.42 -18.81
C ASN A 275 59.48 -10.73 -18.76
N PRO A 276 59.86 -11.74 -19.56
CA PRO A 276 59.12 -13.00 -19.55
C PRO A 276 59.33 -13.85 -18.31
N GLY A 277 60.10 -13.37 -17.33
CA GLY A 277 60.34 -14.16 -16.14
C GLY A 277 59.11 -14.33 -15.26
N LEU A 278 58.18 -13.37 -15.32
CA LEU A 278 56.98 -13.41 -14.50
C LEU A 278 55.77 -13.97 -15.22
N ARG A 279 55.89 -14.29 -16.51
CA ARG A 279 54.74 -14.82 -17.24
C ARG A 279 54.23 -16.13 -16.65
N PRO A 280 55.07 -17.09 -16.27
CA PRO A 280 54.54 -18.30 -15.62
C PRO A 280 53.79 -18.01 -14.34
N LEU A 281 54.26 -17.01 -13.56
CA LEU A 281 53.56 -16.64 -12.33
C LEU A 281 52.12 -16.23 -12.64
N VAL A 282 51.93 -15.38 -13.65
CA VAL A 282 50.58 -14.96 -14.02
C VAL A 282 49.79 -16.16 -14.54
N TRP A 283 50.41 -16.95 -15.41
CA TRP A 283 49.71 -18.12 -15.96
C TRP A 283 49.20 -19.03 -14.86
N ARG A 284 49.94 -19.15 -13.76
CA ARG A 284 49.54 -20.01 -12.66
C ARG A 284 48.62 -19.33 -11.66
N GLY A 285 48.66 -18.01 -11.54
CA GLY A 285 47.90 -17.31 -10.52
C GLY A 285 46.58 -16.73 -11.00
N LEU A 286 46.41 -16.55 -12.30
CA LEU A 286 45.17 -15.97 -12.82
C LEU A 286 43.93 -16.70 -12.33
N PRO A 287 43.87 -18.04 -12.31
CA PRO A 287 42.65 -18.70 -11.80
C PRO A 287 42.32 -18.32 -10.36
N PHE A 288 43.31 -18.28 -9.48
CA PHE A 288 43.06 -17.97 -8.08
C PHE A 288 42.50 -16.56 -7.93
N VAL A 289 43.11 -15.59 -8.63
CA VAL A 289 42.67 -14.21 -8.47
C VAL A 289 41.29 -14.01 -9.07
N THR A 290 41.02 -14.63 -10.23
CA THR A 290 39.68 -14.48 -10.80
C THR A 290 38.63 -15.17 -9.93
N SER A 291 38.97 -16.28 -9.29
CA SER A 291 38.04 -16.92 -8.36
C SER A 291 37.77 -16.03 -7.16
N LEU A 292 38.82 -15.44 -6.60
CA LEU A 292 38.64 -14.51 -5.48
C LEU A 292 37.80 -13.31 -5.90
N ALA A 293 37.95 -12.85 -7.15
CA ALA A 293 37.11 -11.76 -7.63
C ALA A 293 35.65 -12.17 -7.73
N PHE A 294 35.40 -13.35 -8.31
CA PHE A 294 34.03 -13.86 -8.39
C PHE A 294 33.42 -14.02 -7.01
N PHE A 295 34.24 -14.36 -6.01
CA PHE A 295 33.73 -14.47 -4.64
C PHE A 295 33.11 -13.16 -4.16
N ASN A 296 33.39 -12.04 -4.82
CA ASN A 296 32.73 -10.79 -4.47
C ASN A 296 31.23 -10.87 -4.68
N SER A 297 30.80 -11.59 -5.72
CA SER A 297 29.37 -11.73 -5.98
C SER A 297 28.65 -12.40 -4.82
N VAL A 298 29.36 -13.20 -4.04
CA VAL A 298 28.76 -13.84 -2.87
C VAL A 298 29.02 -13.03 -1.60
N ALA A 299 30.12 -12.29 -1.55
CA ALA A 299 30.46 -11.53 -0.35
C ALA A 299 29.62 -10.25 -0.23
N ASN A 300 29.25 -9.64 -1.35
CA ASN A 300 28.53 -8.36 -1.28
C ASN A 300 27.08 -8.54 -0.87
N PRO A 301 26.31 -9.47 -1.44
CA PRO A 301 24.90 -9.59 -1.03
C PRO A 301 24.72 -9.81 0.45
N VAL A 302 25.56 -10.64 1.07
CA VAL A 302 25.41 -10.92 2.50
C VAL A 302 25.56 -9.63 3.30
N LEU A 303 26.60 -8.85 3.00
CA LEU A 303 26.87 -7.64 3.78
C LEU A 303 25.90 -6.51 3.44
N TYR A 304 25.28 -6.54 2.26
CA TYR A 304 24.41 -5.45 1.82
C TYR A 304 22.93 -5.77 1.93
N VAL A 305 22.57 -6.98 2.36
CA VAL A 305 21.17 -7.36 2.51
C VAL A 305 20.90 -7.77 3.95
N LEU A 306 21.63 -8.76 4.44
CA LEU A 306 21.44 -9.25 5.79
C LEU A 306 21.82 -8.22 6.86
N THR A 307 22.51 -7.14 6.49
CA THR A 307 22.86 -6.12 7.45
C THR A 307 21.75 -5.10 7.65
N CYS A 308 20.83 -4.99 6.68
CA CYS A 308 19.71 -4.08 6.80
C CYS A 308 18.60 -4.73 7.61
N PRO A 309 17.96 -4.03 8.55
CA PRO A 309 16.97 -4.68 9.42
C PRO A 309 15.75 -5.18 8.66
N ASP A 310 15.12 -4.30 7.90
CA ASP A 310 13.87 -4.63 7.21
C ASP A 310 14.06 -5.81 6.26
N MET A 311 15.03 -5.69 5.34
CA MET A 311 15.26 -6.77 4.38
C MET A 311 15.67 -8.05 5.07
N LEU A 312 16.52 -7.94 6.10
CA LEU A 312 16.95 -9.13 6.85
C LEU A 312 15.74 -9.87 7.42
N ARG A 313 14.90 -9.16 8.17
CA ARG A 313 13.74 -9.78 8.78
C ARG A 313 12.81 -10.36 7.72
N LYS A 314 12.54 -9.60 6.66
CA LYS A 314 11.62 -10.07 5.63
C LYS A 314 12.15 -11.35 4.98
N LEU A 315 13.42 -11.36 4.60
CA LEU A 315 13.99 -12.55 3.96
C LEU A 315 13.98 -13.74 4.91
N ARG A 316 14.37 -13.55 6.17
CA ARG A 316 14.42 -14.65 7.11
C ARG A 316 13.03 -15.24 7.32
N ARG A 317 12.05 -14.39 7.55
CA ARG A 317 10.69 -14.87 7.79
C ARG A 317 10.19 -15.59 6.56
N SER A 318 10.35 -14.97 5.40
CA SER A 318 9.85 -15.56 4.18
C SER A 318 10.46 -16.94 3.95
N LEU A 319 11.77 -17.06 4.19
CA LEU A 319 12.43 -18.36 4.07
C LEU A 319 11.81 -19.37 5.03
N ARG A 320 11.61 -18.96 6.29
CA ARG A 320 11.01 -19.85 7.27
C ARG A 320 9.62 -20.30 6.83
N THR A 321 8.78 -19.35 6.40
CA THR A 321 7.41 -19.68 6.00
C THR A 321 7.42 -20.62 4.79
N VAL A 322 8.29 -20.35 3.82
CA VAL A 322 8.30 -21.16 2.60
C VAL A 322 8.90 -22.54 2.84
N LEU A 323 9.79 -22.68 3.82
CA LEU A 323 10.34 -24.00 4.11
C LEU A 323 9.43 -24.80 5.04
N GLU A 324 8.60 -24.14 5.84
CA GLU A 324 7.62 -24.82 6.67
C GLU A 324 6.32 -25.12 5.93
N SER A 325 6.05 -24.42 4.81
CA SER A 325 4.83 -24.69 4.06
C SER A 325 4.98 -25.94 3.19
N VAL A 326 6.13 -26.07 2.51
CA VAL A 326 6.39 -27.21 1.65
C VAL A 326 6.32 -28.49 2.47
N LEU A 327 6.72 -28.40 3.74
CA LEU A 327 6.70 -29.56 4.64
C LEU A 327 5.29 -29.79 5.17
N THR B 4 -5.53 -11.89 -23.63
CA THR B 4 -6.88 -12.40 -23.26
C THR B 4 -7.76 -11.27 -22.73
N LEU B 5 -7.13 -10.28 -22.10
CA LEU B 5 -7.86 -9.15 -21.54
C LEU B 5 -8.51 -8.35 -22.67
N SER B 6 -9.80 -8.06 -22.53
CA SER B 6 -10.52 -7.30 -23.52
C SER B 6 -10.11 -5.82 -23.47
N ALA B 7 -10.70 -5.02 -24.34
CA ALA B 7 -10.38 -3.60 -24.40
C ALA B 7 -10.67 -2.93 -23.06
N GLU B 8 -11.86 -3.17 -22.50
CA GLU B 8 -12.20 -2.58 -21.21
C GLU B 8 -11.26 -3.07 -20.11
N ASP B 9 -10.87 -4.35 -20.17
CA ASP B 9 -9.94 -4.87 -19.17
C ASP B 9 -8.58 -4.19 -19.26
N LYS B 10 -8.07 -4.01 -20.48
CA LYS B 10 -6.79 -3.33 -20.65
C LYS B 10 -6.88 -1.88 -20.19
N ALA B 11 -8.01 -1.22 -20.48
CA ALA B 11 -8.18 0.16 -20.04
C ALA B 11 -8.22 0.24 -18.51
N ALA B 12 -8.91 -0.70 -17.87
CA ALA B 12 -8.95 -0.71 -16.42
C ALA B 12 -7.57 -0.98 -15.82
N VAL B 13 -6.80 -1.87 -16.45
CA VAL B 13 -5.44 -2.14 -15.97
C VAL B 13 -4.57 -0.89 -16.10
N GLU B 14 -4.70 -0.17 -17.23
CA GLU B 14 -3.93 1.05 -17.41
C GLU B 14 -4.33 2.10 -16.39
N ARG B 15 -5.63 2.23 -16.11
CA ARG B 15 -6.08 3.19 -15.11
C ARG B 15 -5.54 2.81 -13.73
N SER B 16 -5.53 1.52 -13.41
CA SER B 16 -4.98 1.08 -12.13
C SER B 16 -3.50 1.38 -12.04
N LYS B 17 -2.76 1.18 -13.13
CA LYS B 17 -1.33 1.51 -13.12
C LYS B 17 -1.12 3.00 -12.93
N MET B 18 -1.94 3.82 -13.58
CA MET B 18 -1.83 5.28 -13.40
C MET B 18 -2.13 5.66 -11.96
N ILE B 19 -3.15 5.04 -11.35
CA ILE B 19 -3.47 5.34 -9.97
C ILE B 19 -2.33 4.92 -9.05
N ASP B 20 -1.71 3.77 -9.34
CA ASP B 20 -0.57 3.33 -8.55
C ASP B 20 0.58 4.31 -8.66
N ARG B 21 0.86 4.81 -9.87
CA ARG B 21 1.92 5.80 -10.05
C ARG B 21 1.60 7.07 -9.27
N ASN B 22 0.35 7.53 -9.33
CA ASN B 22 -0.02 8.73 -8.59
C ASN B 22 0.13 8.53 -7.09
N LEU B 23 -0.26 7.36 -6.59
CA LEU B 23 -0.11 7.07 -5.17
C LEU B 23 1.36 7.02 -4.77
N ARG B 24 2.21 6.42 -5.60
CA ARG B 24 3.64 6.39 -5.30
C ARG B 24 4.22 7.79 -5.28
N GLU B 25 3.81 8.64 -6.23
CA GLU B 25 4.30 10.02 -6.23
C GLU B 25 3.84 10.76 -4.98
N ASP B 26 2.57 10.59 -4.61
CA ASP B 26 2.06 11.25 -3.40
C ASP B 26 2.82 10.78 -2.16
N GLY B 27 3.12 9.48 -2.08
CA GLY B 27 3.86 8.98 -0.95
C GLY B 27 5.28 9.50 -0.90
N GLU B 28 5.95 9.55 -2.04
CA GLU B 28 7.30 10.10 -2.08
C GLU B 28 7.30 11.58 -1.73
N LYS B 29 6.24 12.30 -2.08
CA LYS B 29 6.17 13.72 -1.74
C LYS B 29 5.89 13.90 -0.25
N ALA B 30 5.04 13.05 0.33
CA ALA B 30 4.72 13.16 1.75
C ALA B 30 5.88 12.72 2.62
N ALA B 31 6.72 11.79 2.13
CA ALA B 31 7.86 11.34 2.90
C ALA B 31 8.89 12.44 3.14
N ARG B 32 8.90 13.50 2.44
CA ARG B 32 9.82 14.49 2.69
C ARG B 32 9.48 15.34 3.92
N GLU B 33 8.21 15.42 4.34
CA GLU B 33 7.79 16.23 5.47
C GLU B 33 7.95 15.42 6.76
N VAL B 34 8.59 16.02 7.76
CA VAL B 34 8.78 15.37 9.04
C VAL B 34 7.47 15.39 9.81
N LYS B 35 7.29 14.43 10.71
CA LYS B 35 6.08 14.30 11.51
C LYS B 35 6.44 14.29 12.98
N LEU B 36 5.83 15.19 13.75
CA LEU B 36 6.11 15.31 15.19
C LEU B 36 4.80 15.44 15.96
N LEU B 37 4.80 14.90 17.16
CA LEU B 37 3.62 14.87 18.02
C LEU B 37 3.84 15.78 19.23
N LEU B 38 2.91 16.70 19.47
CA LEU B 38 3.00 17.65 20.57
C LEU B 38 2.17 17.16 21.75
N LEU B 39 2.79 17.10 22.92
CA LEU B 39 2.13 16.64 24.14
C LEU B 39 2.47 17.59 25.28
N GLY B 40 1.59 17.60 26.28
CA GLY B 40 1.77 18.45 27.44
C GLY B 40 0.45 19.00 27.96
N ALA B 41 0.48 19.60 29.15
CA ALA B 41 -0.72 20.14 29.75
C ALA B 41 -1.17 21.39 29.00
N GLY B 42 -2.48 21.67 29.09
CA GLY B 42 -3.02 22.84 28.43
C GLY B 42 -2.36 24.13 28.86
N GLU B 43 -1.98 24.21 30.13
CA GLU B 43 -1.33 25.39 30.69
C GLU B 43 0.19 25.31 30.60
N SER B 44 0.74 24.35 29.85
CA SER B 44 2.18 24.21 29.72
C SER B 44 2.78 25.14 28.66
N GLY B 45 1.96 25.97 28.02
CA GLY B 45 2.45 26.90 27.02
C GLY B 45 2.45 26.39 25.60
N LYS B 46 1.83 25.24 25.34
CA LYS B 46 1.79 24.72 23.97
C LYS B 46 1.16 25.73 23.01
N ASN B 47 0.14 26.45 23.48
CA ASN B 47 -0.52 27.42 22.61
C ASN B 47 0.45 28.50 22.15
N THR B 48 1.26 29.02 23.08
CA THR B 48 2.23 30.05 22.70
C THR B 48 3.27 29.52 21.73
N ILE B 49 3.73 28.28 21.96
CA ILE B 49 4.70 27.68 21.05
C ILE B 49 4.12 27.56 19.66
N VAL B 50 2.89 27.06 19.56
CA VAL B 50 2.25 26.91 18.24
C VAL B 50 2.07 28.27 17.59
N LYS B 51 1.65 29.27 18.35
CA LYS B 51 1.44 30.60 17.79
C LYS B 51 2.74 31.19 17.25
N GLN B 52 3.83 31.07 18.02
CA GLN B 52 5.09 31.64 17.56
C GLN B 52 5.63 30.87 16.36
N MET B 53 5.49 29.55 16.35
CA MET B 53 5.96 28.77 15.21
C MET B 53 5.14 29.05 13.95
N LYS B 54 3.87 29.41 14.12
CA LYS B 54 3.05 29.77 12.96
C LYS B 54 3.37 31.18 12.48
N ILE B 55 3.65 32.10 13.41
CA ILE B 55 4.00 33.46 13.02
C ILE B 55 5.34 33.48 12.30
N ILE B 56 6.30 32.67 12.76
CA ILE B 56 7.60 32.62 12.11
C ILE B 56 7.46 32.16 10.67
N HIS B 57 6.63 31.15 10.43
CA HIS B 57 6.41 30.63 9.09
C HIS B 57 5.57 31.60 8.27
N THR B 181 -14.74 21.79 15.85
CA THR B 181 -13.44 22.22 16.35
C THR B 181 -12.77 21.09 17.13
N THR B 182 -13.58 20.26 17.78
CA THR B 182 -13.05 19.15 18.55
C THR B 182 -12.27 18.19 17.65
N GLY B 183 -11.25 17.56 18.24
CA GLY B 183 -10.42 16.63 17.50
C GLY B 183 -8.94 16.85 17.72
N ILE B 184 -8.15 16.80 16.65
CA ILE B 184 -6.71 17.00 16.71
C ILE B 184 -6.34 18.11 15.74
N VAL B 185 -5.34 18.90 16.11
CA VAL B 185 -4.90 20.02 15.28
C VAL B 185 -3.65 19.61 14.52
N GLU B 186 -3.50 20.12 13.30
CA GLU B 186 -2.37 19.81 12.43
C GLU B 186 -1.78 21.13 11.94
N THR B 187 -0.53 21.39 12.31
CA THR B 187 0.17 22.61 11.95
C THR B 187 1.29 22.28 10.97
N HIS B 188 1.44 23.10 9.94
CA HIS B 188 2.46 22.94 8.92
C HIS B 188 3.36 24.17 8.91
N PHE B 189 4.68 23.94 8.87
CA PHE B 189 5.64 25.03 8.82
C PHE B 189 6.94 24.53 8.25
N THR B 190 7.63 25.41 7.52
CA THR B 190 8.90 25.10 6.89
C THR B 190 9.99 25.97 7.48
N PHE B 191 11.12 25.36 7.82
CA PHE B 191 12.27 26.06 8.39
C PHE B 191 13.54 25.45 7.83
N LYS B 192 14.32 26.25 7.11
CA LYS B 192 15.54 25.79 6.46
C LYS B 192 15.23 24.65 5.50
N ASP B 193 14.37 24.85 4.54
CA ASP B 193 14.13 23.84 3.53
C ASP B 193 13.62 22.57 4.07
N LEU B 194 12.87 22.63 5.14
CA LEU B 194 12.47 21.38 5.79
C LEU B 194 11.06 21.55 6.32
N HIS B 195 10.22 20.60 5.96
CA HIS B 195 8.82 20.63 6.30
C HIS B 195 8.39 19.85 7.49
N PHE B 196 7.58 20.49 8.33
CA PHE B 196 7.22 19.81 9.57
C PHE B 196 5.70 19.70 9.66
N LYS B 197 5.24 18.65 10.33
CA LYS B 197 3.82 18.40 10.56
C LYS B 197 3.65 18.17 12.06
N MET B 198 3.19 19.19 12.78
CA MET B 198 2.96 19.09 14.21
C MET B 198 1.53 18.66 14.46
N PHE B 199 1.36 17.56 15.20
CA PHE B 199 0.06 17.01 15.52
C PHE B 199 -0.22 17.22 17.00
N ASP B 200 -1.25 18.00 17.31
CA ASP B 200 -1.64 18.31 18.67
C ASP B 200 -2.90 17.50 18.99
N VAL B 201 -2.78 16.58 19.95
CA VAL B 201 -3.88 15.72 20.36
C VAL B 201 -4.32 16.02 21.80
N GLY B 202 -3.94 17.18 22.34
CA GLY B 202 -4.31 17.50 23.71
C GLY B 202 -5.81 17.60 23.89
N ALA B 203 -6.52 18.09 22.87
CA ALA B 203 -7.97 18.23 22.97
C ALA B 203 -8.69 16.89 22.99
N GLN B 204 -8.02 15.82 22.57
CA GLN B 204 -8.62 14.48 22.56
C GLN B 204 -8.54 13.89 23.96
N ARG B 205 -9.58 14.17 24.75
CA ARG B 205 -9.67 13.69 26.13
C ARG B 205 -10.36 12.33 26.13
N SER B 206 -9.58 11.30 25.80
CA SER B 206 -10.08 9.93 25.76
C SER B 206 -8.93 8.99 26.13
N GLU B 207 -9.16 7.70 25.97
CA GLU B 207 -8.15 6.70 26.29
C GLU B 207 -7.04 6.76 25.24
N ARG B 208 -5.82 7.09 25.69
CA ARG B 208 -4.72 7.30 24.75
C ARG B 208 -4.07 5.98 24.33
N LYS B 209 -4.06 4.97 25.20
CA LYS B 209 -3.35 3.74 24.89
C LYS B 209 -4.01 2.93 23.78
N LYS B 210 -5.20 3.34 23.32
CA LYS B 210 -5.90 2.61 22.26
C LYS B 210 -5.67 3.20 20.88
N TRP B 211 -5.16 4.43 20.78
CA TRP B 211 -4.88 5.06 19.50
C TRP B 211 -3.50 5.71 19.42
N ILE B 212 -2.74 5.75 20.51
CA ILE B 212 -1.41 6.34 20.46
C ILE B 212 -0.51 5.54 19.52
N HIS B 213 -0.77 4.24 19.37
CA HIS B 213 0.03 3.41 18.48
C HIS B 213 0.00 3.91 17.04
N CYS B 214 -1.02 4.68 16.68
CA CYS B 214 -1.07 5.24 15.33
C CYS B 214 0.12 6.15 15.05
N PHE B 215 0.66 6.78 16.09
CA PHE B 215 1.81 7.67 15.96
C PHE B 215 3.14 6.94 16.12
N GLU B 216 3.17 5.62 15.88
CA GLU B 216 4.41 4.87 16.01
C GLU B 216 5.50 5.45 15.10
N GLY B 217 5.14 5.78 13.86
CA GLY B 217 6.07 6.33 12.91
C GLY B 217 6.40 7.80 13.08
N VAL B 218 5.96 8.42 14.18
CA VAL B 218 6.25 9.83 14.40
C VAL B 218 7.76 10.01 14.54
N THR B 219 8.24 11.18 14.10
CA THR B 219 9.68 11.44 14.15
C THR B 219 10.12 11.86 15.55
N ALA B 220 9.38 12.77 16.18
CA ALA B 220 9.76 13.27 17.49
C ALA B 220 8.50 13.58 18.29
N ILE B 221 8.69 13.69 19.61
CA ILE B 221 7.62 14.02 20.53
C ILE B 221 8.03 15.25 21.33
N ILE B 222 7.39 16.38 21.05
CA ILE B 222 7.67 17.63 21.74
C ILE B 222 6.81 17.67 23.00
N PHE B 223 7.45 17.52 24.16
CA PHE B 223 6.78 17.50 25.45
C PHE B 223 6.96 18.84 26.15
N CYS B 224 5.85 19.49 26.48
CA CYS B 224 5.86 20.77 27.17
C CYS B 224 5.34 20.57 28.59
N VAL B 225 6.04 21.18 29.55
CA VAL B 225 5.69 21.08 30.96
C VAL B 225 5.81 22.46 31.60
N ALA B 226 4.97 22.70 32.61
CA ALA B 226 4.95 23.98 33.31
C ALA B 226 5.99 23.94 34.42
N LEU B 227 7.14 24.58 34.18
CA LEU B 227 8.20 24.58 35.18
C LEU B 227 7.84 25.44 36.38
N SER B 228 7.10 26.52 36.17
CA SER B 228 6.73 27.41 37.27
C SER B 228 5.58 26.87 38.10
N ASP B 229 4.74 26.00 37.52
CA ASP B 229 3.58 25.45 38.25
C ASP B 229 4.04 24.25 39.08
N TYR B 230 4.79 24.57 40.15
CA TYR B 230 5.27 23.57 41.08
C TYR B 230 4.63 23.66 42.46
N ASP B 231 4.01 24.79 42.80
CA ASP B 231 3.35 24.97 44.08
C ASP B 231 1.83 25.06 43.96
N LEU B 232 1.30 25.08 42.74
CA LEU B 232 -0.14 25.16 42.54
C LEU B 232 -0.79 23.81 42.82
N VAL B 233 -2.13 23.82 42.88
CA VAL B 233 -2.93 22.63 43.14
C VAL B 233 -3.89 22.43 41.98
N LEU B 234 -4.13 21.17 41.63
CA LEU B 234 -5.02 20.80 40.54
C LEU B 234 -6.17 19.98 41.09
N ALA B 235 -7.37 20.19 40.52
CA ALA B 235 -8.55 19.46 40.94
C ALA B 235 -8.42 17.98 40.63
N GLU B 239 -2.16 12.72 40.31
CA GLU B 239 -1.67 13.25 41.57
C GLU B 239 -2.21 14.66 41.81
N MET B 240 -2.33 15.04 43.08
CA MET B 240 -2.85 16.36 43.41
C MET B 240 -2.01 17.46 42.77
N ASN B 241 -0.70 17.28 42.74
CA ASN B 241 0.21 18.27 42.16
C ASN B 241 0.35 18.03 40.67
N ARG B 242 0.62 19.12 39.93
CA ARG B 242 0.74 19.04 38.49
C ARG B 242 2.09 18.49 38.04
N MET B 243 3.15 18.74 38.81
CA MET B 243 4.47 18.26 38.42
C MET B 243 4.52 16.73 38.45
N HIS B 244 3.92 16.12 39.47
CA HIS B 244 3.92 14.66 39.52
C HIS B 244 3.14 14.05 38.36
N ALA B 245 1.99 14.65 38.02
CA ALA B 245 1.22 14.16 36.88
C ALA B 245 2.00 14.32 35.58
N SER B 246 2.68 15.45 35.41
CA SER B 246 3.48 15.66 34.21
C SER B 246 4.61 14.65 34.12
N MET B 247 5.28 14.37 35.24
CA MET B 247 6.35 13.38 35.25
C MET B 247 5.82 11.99 34.93
N LYS B 248 4.65 11.64 35.48
CA LYS B 248 4.06 10.34 35.19
C LYS B 248 3.71 10.22 33.71
N LEU B 249 3.14 11.28 33.14
CA LEU B 249 2.80 11.25 31.71
C LEU B 249 4.06 11.12 30.87
N PHE B 250 5.11 11.87 31.22
CA PHE B 250 6.36 11.78 30.48
C PHE B 250 6.95 10.38 30.54
N ASP B 251 6.92 9.77 31.73
CA ASP B 251 7.45 8.42 31.87
C ASP B 251 6.62 7.42 31.07
N SER B 252 5.29 7.57 31.09
CA SER B 252 4.44 6.65 30.35
C SER B 252 4.66 6.78 28.84
N ILE B 253 4.85 8.02 28.36
CA ILE B 253 5.08 8.22 26.93
C ILE B 253 6.46 7.74 26.52
N CYS B 254 7.45 7.88 27.40
CA CYS B 254 8.82 7.46 27.07
C CYS B 254 8.94 5.95 27.06
N ASN B 255 8.49 5.30 28.14
CA ASN B 255 8.57 3.86 28.27
C ASN B 255 7.48 3.13 27.50
N ASN B 256 6.74 3.82 26.64
CA ASN B 256 5.70 3.16 25.86
C ASN B 256 6.30 2.11 24.94
N LYS B 257 5.55 1.03 24.72
CA LYS B 257 6.04 -0.07 23.88
C LYS B 257 6.20 0.35 22.43
N TRP B 258 5.52 1.41 21.99
CA TRP B 258 5.62 1.86 20.61
C TRP B 258 6.68 2.93 20.41
N PHE B 259 6.87 3.81 21.39
CA PHE B 259 7.87 4.88 21.31
C PHE B 259 9.20 4.40 21.88
N THR B 260 9.70 3.29 21.35
CA THR B 260 10.99 2.75 21.82
C THR B 260 12.17 3.41 21.10
N ASP B 261 12.00 3.74 19.82
CA ASP B 261 13.06 4.36 19.03
C ASP B 261 12.74 5.81 18.67
N THR B 262 11.70 6.38 19.28
CA THR B 262 11.30 7.76 19.02
C THR B 262 11.96 8.68 20.04
N SER B 263 12.38 9.85 19.58
CA SER B 263 13.05 10.82 20.42
C SER B 263 12.04 11.80 21.02
N ILE B 264 12.31 12.23 22.24
CA ILE B 264 11.48 13.21 22.93
C ILE B 264 12.30 14.47 23.16
N ILE B 265 11.65 15.61 23.07
CA ILE B 265 12.27 16.92 23.26
C ILE B 265 11.46 17.69 24.30
N LEU B 266 12.07 17.93 25.45
CA LEU B 266 11.40 18.62 26.54
C LEU B 266 11.60 20.13 26.40
N PHE B 267 10.52 20.88 26.61
CA PHE B 267 10.57 22.34 26.54
C PHE B 267 9.95 22.93 27.80
N LEU B 268 10.68 23.85 28.43
CA LEU B 268 10.22 24.56 29.63
C LEU B 268 9.81 25.96 29.20
N ASN B 269 8.50 26.18 29.07
CA ASN B 269 7.96 27.45 28.60
C ASN B 269 7.61 28.41 29.73
N LYS B 270 7.98 28.09 30.97
CA LYS B 270 7.68 28.91 32.13
C LYS B 270 8.90 29.09 33.01
N LYS B 271 10.04 29.41 32.39
CA LYS B 271 11.26 29.62 33.17
C LYS B 271 11.26 30.98 33.85
N ASP B 272 10.71 32.00 33.20
CA ASP B 272 10.65 33.33 33.80
C ASP B 272 9.73 33.34 35.01
N LEU B 273 8.57 32.69 34.91
CA LEU B 273 7.68 32.59 36.06
C LEU B 273 8.35 31.82 37.20
N PHE B 274 9.09 30.77 36.87
CA PHE B 274 9.80 30.02 37.90
C PHE B 274 10.85 30.90 38.58
N GLU B 275 11.59 31.69 37.82
CA GLU B 275 12.58 32.59 38.41
C GLU B 275 11.90 33.63 39.30
N GLU B 276 10.76 34.16 38.87
CA GLU B 276 10.08 35.18 39.65
C GLU B 276 9.45 34.61 40.92
N LYS B 277 9.05 33.33 40.90
CA LYS B 277 8.38 32.73 42.03
C LYS B 277 9.33 32.11 43.03
N ILE B 278 10.45 31.54 42.57
CA ILE B 278 11.38 30.89 43.49
C ILE B 278 11.93 31.87 44.50
N LYS B 279 12.02 33.16 44.13
CA LYS B 279 12.52 34.16 45.05
C LYS B 279 11.62 34.31 46.29
N LYS B 280 10.34 33.94 46.16
CA LYS B 280 9.39 34.04 47.27
C LYS B 280 8.97 32.67 47.79
N SER B 281 8.49 31.80 46.91
CA SER B 281 8.04 30.46 47.32
C SER B 281 9.19 29.48 47.17
N PRO B 282 9.58 28.77 48.23
CA PRO B 282 10.68 27.81 48.09
C PRO B 282 10.26 26.57 47.34
N LEU B 283 11.24 25.92 46.69
CA LEU B 283 10.97 24.72 45.93
C LEU B 283 10.77 23.50 46.82
N THR B 284 11.16 23.57 48.09
CA THR B 284 11.02 22.42 48.98
C THR B 284 9.55 21.99 49.12
N ILE B 285 8.61 22.90 48.89
CA ILE B 285 7.19 22.54 49.02
C ILE B 285 6.85 21.41 48.05
N CYS B 286 7.45 21.42 46.86
CA CYS B 286 7.19 20.39 45.86
C CYS B 286 8.09 19.17 46.04
N TYR B 287 9.38 19.39 46.31
CA TYR B 287 10.35 18.32 46.50
C TYR B 287 10.89 18.39 47.93
N PRO B 288 10.23 17.74 48.89
CA PRO B 288 10.74 17.78 50.27
C PRO B 288 12.17 17.26 50.40
N GLU B 289 12.50 16.18 49.70
CA GLU B 289 13.86 15.63 49.77
C GLU B 289 14.90 16.61 49.25
N TYR B 290 14.51 17.59 48.44
CA TYR B 290 15.46 18.55 47.91
C TYR B 290 16.10 19.34 49.05
N ALA B 291 17.43 19.47 49.00
CA ALA B 291 18.17 20.20 50.02
C ALA B 291 19.22 21.14 49.44
N GLY B 292 19.30 21.27 48.12
CA GLY B 292 20.28 22.14 47.51
C GLY B 292 19.96 23.61 47.75
N SER B 293 20.84 24.46 47.21
CA SER B 293 20.67 25.89 47.35
C SER B 293 19.38 26.35 46.68
N ASN B 294 18.83 27.46 47.18
CA ASN B 294 17.59 28.02 46.65
C ASN B 294 17.79 28.79 45.34
N THR B 295 19.03 28.94 44.88
CA THR B 295 19.28 29.65 43.63
C THR B 295 18.54 28.98 42.48
N TYR B 296 18.41 29.73 41.38
CA TYR B 296 17.67 29.23 40.22
C TYR B 296 18.48 28.19 39.45
N GLU B 297 19.80 28.36 39.36
CA GLU B 297 20.61 27.43 38.59
C GLU B 297 20.53 26.02 39.16
N GLU B 298 20.72 25.89 40.48
CA GLU B 298 20.68 24.58 41.11
C GLU B 298 19.30 23.94 40.97
N ALA B 299 18.24 24.73 41.15
CA ALA B 299 16.89 24.19 41.02
C ALA B 299 16.62 23.71 39.60
N ALA B 300 17.04 24.50 38.61
CA ALA B 300 16.85 24.09 37.22
C ALA B 300 17.63 22.82 36.91
N ALA B 301 18.87 22.74 37.40
CA ALA B 301 19.67 21.53 37.17
C ALA B 301 19.02 20.31 37.83
N TYR B 302 18.50 20.48 39.04
CA TYR B 302 17.84 19.38 39.73
C TYR B 302 16.59 18.92 38.98
N ILE B 303 15.79 19.88 38.49
CA ILE B 303 14.59 19.53 37.75
C ILE B 303 14.96 18.81 36.45
N GLN B 304 16.00 19.29 35.76
CA GLN B 304 16.43 18.63 34.54
C GLN B 304 16.90 17.21 34.81
N CYS B 305 17.70 17.02 35.86
CA CYS B 305 18.15 15.67 36.20
C CYS B 305 16.98 14.76 36.56
N GLN B 306 15.99 15.30 37.28
CA GLN B 306 14.85 14.49 37.66
C GLN B 306 14.04 14.08 36.44
N PHE B 307 13.81 15.01 35.51
CA PHE B 307 13.07 14.68 34.30
C PHE B 307 13.87 13.75 33.38
N GLU B 308 15.19 13.80 33.46
CA GLU B 308 16.01 12.94 32.61
C GLU B 308 16.13 11.53 33.18
N ASP B 309 16.17 11.39 34.51
CA ASP B 309 16.30 10.07 35.11
C ASP B 309 15.09 9.18 34.85
N LEU B 310 13.98 9.75 34.39
CA LEU B 310 12.79 8.95 34.10
C LEU B 310 12.95 8.10 32.85
N ASN B 311 14.01 8.30 32.07
CA ASN B 311 14.22 7.53 30.86
C ASN B 311 14.82 6.17 31.21
N LYS B 312 14.09 5.10 30.91
CA LYS B 312 14.56 3.75 31.15
C LYS B 312 15.06 3.07 29.88
N ARG B 313 15.25 3.82 28.81
CA ARG B 313 15.72 3.28 27.53
C ARG B 313 16.79 4.18 26.93
N LYS B 314 17.71 4.66 27.78
CA LYS B 314 18.74 5.59 27.31
C LYS B 314 19.62 4.98 26.21
N ASP B 315 19.65 3.65 26.10
CA ASP B 315 20.53 3.02 25.12
C ASP B 315 19.97 3.12 23.70
N THR B 316 18.66 3.21 23.56
CA THR B 316 18.03 3.21 22.25
C THR B 316 17.51 4.59 21.83
N LYS B 317 17.12 5.47 22.76
CA LYS B 317 16.59 6.83 22.45
C LYS B 317 17.19 8.02 23.15
N GLU B 318 16.93 9.22 22.66
CA GLU B 318 17.47 10.44 23.21
C GLU B 318 16.46 11.44 23.71
N ILE B 319 16.79 12.25 24.69
CA ILE B 319 15.93 13.25 25.16
C ILE B 319 16.70 14.49 25.08
N TYR B 320 16.31 15.41 24.25
CA TYR B 320 16.93 16.71 24.01
C TYR B 320 16.18 17.75 24.84
N THR B 321 16.80 18.22 25.92
CA THR B 321 16.19 19.21 26.79
C THR B 321 16.62 20.61 26.37
N HIS B 322 15.70 21.57 26.56
CA HIS B 322 15.97 22.95 26.20
C HIS B 322 15.02 23.85 26.98
N PHE B 323 15.52 25.03 27.37
CA PHE B 323 14.74 25.99 28.12
C PHE B 323 14.23 27.07 27.18
N THR B 324 12.93 27.29 27.18
CA THR B 324 12.31 28.28 26.32
C THR B 324 12.19 29.62 27.05
N CYS B 325 12.28 30.70 26.27
CA CYS B 325 12.21 32.06 26.82
C CYS B 325 11.37 32.90 25.86
N SER B 326 11.41 34.22 26.07
CA SER B 326 10.69 35.13 25.18
C SER B 326 11.14 34.95 23.73
N THR B 327 12.42 34.66 23.52
CA THR B 327 12.93 34.42 22.18
C THR B 327 12.27 33.18 21.60
N ASP B 328 12.10 33.17 20.28
CA ASP B 328 11.46 32.08 19.56
C ASP B 328 12.35 31.42 18.52
N THR B 329 13.29 32.17 17.92
CA THR B 329 14.16 31.58 16.91
C THR B 329 15.05 30.50 17.50
N LYS B 330 15.48 30.65 18.76
CA LYS B 330 16.33 29.65 19.38
C LYS B 330 15.61 28.32 19.50
N ASN B 331 14.33 28.34 19.88
CA ASN B 331 13.57 27.09 19.98
C ASN B 331 13.40 26.43 18.62
N VAL B 332 13.16 27.23 17.58
CA VAL B 332 13.03 26.67 16.23
C VAL B 332 14.34 26.05 15.78
N GLN B 333 15.46 26.71 16.07
CA GLN B 333 16.75 26.16 15.70
C GLN B 333 17.03 24.86 16.45
N PHE B 334 16.68 24.81 17.74
CA PHE B 334 16.88 23.59 18.51
C PHE B 334 16.03 22.45 17.97
N VAL B 335 14.77 22.74 17.64
CA VAL B 335 13.91 21.71 17.07
C VAL B 335 14.46 21.24 15.74
N PHE B 336 14.97 22.16 14.92
CA PHE B 336 15.54 21.77 13.63
C PHE B 336 16.76 20.87 13.83
N ASP B 337 17.63 21.22 14.77
CA ASP B 337 18.80 20.38 15.02
C ASP B 337 18.39 19.00 15.53
N ALA B 338 17.41 18.94 16.42
CA ALA B 338 16.95 17.65 16.94
C ALA B 338 16.36 16.80 15.83
N VAL B 339 15.54 17.40 14.96
CA VAL B 339 14.96 16.67 13.85
C VAL B 339 16.04 16.21 12.87
N THR B 340 17.04 17.05 12.63
CA THR B 340 18.15 16.64 11.78
C THR B 340 18.89 15.45 12.36
N ASP B 341 19.28 15.48 13.63
CA ASP B 341 19.98 14.37 14.37
C ASP B 341 19.23 13.12 14.50
N VAL B 342 17.94 13.18 14.27
CA VAL B 342 17.11 12.03 14.35
C VAL B 342 17.01 11.49 12.94
N ILE B 343 16.69 12.32 11.97
CA ILE B 343 16.72 11.83 10.59
C ILE B 343 18.05 11.15 10.31
N ILE B 344 19.15 11.70 10.84
CA ILE B 344 20.46 11.10 10.63
C ILE B 344 20.49 9.69 11.22
N LYS B 345 20.05 9.55 12.47
CA LYS B 345 20.10 8.24 13.10
C LYS B 345 19.14 7.27 12.41
N ASN B 346 17.99 7.75 11.94
CA ASN B 346 17.06 6.89 11.22
C ASN B 346 17.68 6.37 9.93
N ASN B 347 18.32 7.27 9.17
CA ASN B 347 18.98 6.85 7.94
C ASN B 347 20.12 5.88 8.24
N LEU B 348 20.87 6.11 9.32
CA LEU B 348 21.95 5.21 9.68
C LEU B 348 21.43 3.83 10.07
N LYS B 349 20.27 3.78 10.72
CA LYS B 349 19.69 2.49 11.09
C LYS B 349 19.07 1.77 9.89
N ASP B 350 18.53 2.53 8.93
CA ASP B 350 17.86 1.92 7.79
C ASP B 350 18.86 1.31 6.82
N CYS B 351 19.95 2.01 6.51
CA CYS B 351 20.91 1.52 5.53
C CYS B 351 21.67 0.29 6.00
N GLY B 352 21.57 -0.07 7.28
CA GLY B 352 22.21 -1.26 7.80
C GLY B 352 23.41 -1.00 8.68
N LEU B 353 23.89 0.24 8.76
CA LEU B 353 25.05 0.54 9.60
C LEU B 353 24.69 0.41 11.07
N PHE B 354 23.72 1.18 11.53
CA PHE B 354 23.28 1.13 12.92
C PHE B 354 22.12 0.16 13.08
N LEU C 9 -29.33 7.90 47.89
CA LEU C 9 -28.22 7.29 47.10
C LEU C 9 -27.97 5.85 47.51
N ASP C 10 -27.95 5.61 48.83
CA ASP C 10 -27.73 4.26 49.34
C ASP C 10 -28.83 3.32 48.88
N GLN C 11 -30.08 3.76 48.96
CA GLN C 11 -31.20 2.92 48.52
C GLN C 11 -31.08 2.58 47.04
N LEU C 12 -30.70 3.56 46.22
CA LEU C 12 -30.56 3.31 44.79
C LEU C 12 -29.44 2.30 44.52
N ARG C 13 -28.33 2.42 45.23
CA ARG C 13 -27.24 1.47 45.05
C ARG C 13 -27.65 0.07 45.48
N GLN C 14 -28.37 -0.03 46.60
CA GLN C 14 -28.85 -1.34 47.04
C GLN C 14 -29.81 -1.94 46.02
N GLU C 15 -30.70 -1.13 45.45
CA GLU C 15 -31.62 -1.62 44.44
C GLU C 15 -30.87 -2.09 43.19
N ALA C 16 -29.85 -1.33 42.79
CA ALA C 16 -29.05 -1.74 41.63
C ALA C 16 -28.34 -3.06 41.91
N GLU C 17 -27.77 -3.21 43.10
CA GLU C 17 -27.10 -4.46 43.45
C GLU C 17 -28.07 -5.63 43.46
N GLN C 18 -29.28 -5.41 44.00
CA GLN C 18 -30.28 -6.47 44.01
C GLN C 18 -30.69 -6.86 42.60
N LEU C 19 -30.88 -5.87 41.72
CA LEU C 19 -31.24 -6.17 40.33
C LEU C 19 -30.12 -6.93 39.64
N LYS C 20 -28.87 -6.55 39.89
CA LYS C 20 -27.75 -7.26 39.30
C LYS C 20 -27.69 -8.70 39.78
N ASN C 21 -27.90 -8.92 41.08
CA ASN C 21 -27.90 -10.28 41.61
C ASN C 21 -29.05 -11.10 41.00
N GLN C 22 -30.22 -10.48 40.84
CA GLN C 22 -31.34 -11.19 40.23
C GLN C 22 -31.04 -11.56 38.78
N ILE C 23 -30.45 -10.63 38.03
CA ILE C 23 -30.10 -10.92 36.65
C ILE C 23 -29.07 -12.05 36.58
N ARG C 24 -28.09 -12.03 37.49
CA ARG C 24 -27.10 -13.10 37.51
C ARG C 24 -27.74 -14.44 37.83
N ASP C 25 -28.62 -14.47 38.82
CA ASP C 25 -29.31 -15.72 39.16
C ASP C 25 -30.14 -16.22 37.99
N ALA C 26 -30.81 -15.32 37.27
CA ALA C 26 -31.60 -15.72 36.12
C ALA C 26 -30.72 -16.29 35.02
N ARG C 27 -29.61 -15.60 34.71
CA ARG C 27 -28.70 -16.11 33.69
C ARG C 27 -28.12 -17.46 34.09
N LYS C 28 -27.88 -17.68 35.37
CA LYS C 28 -27.35 -18.97 35.82
C LYS C 28 -28.40 -20.06 35.72
N ALA C 29 -29.66 -19.75 36.06
CA ALA C 29 -30.72 -20.75 35.99
C ALA C 29 -31.00 -21.16 34.55
N CYS C 30 -30.93 -20.21 33.61
CA CYS C 30 -31.19 -20.51 32.21
C CYS C 30 -30.09 -21.34 31.58
N ALA C 31 -28.92 -21.48 32.23
CA ALA C 31 -27.81 -22.27 31.70
C ALA C 31 -28.04 -23.73 32.07
N ASP C 32 -28.88 -24.38 31.26
CA ASP C 32 -29.20 -25.79 31.51
C ASP C 32 -28.08 -26.70 31.00
N ALA C 33 -27.46 -26.34 29.88
CA ALA C 33 -26.39 -27.15 29.30
C ALA C 33 -25.46 -26.25 28.50
N THR C 34 -24.20 -26.66 28.38
CA THR C 34 -23.20 -25.90 27.66
C THR C 34 -23.18 -26.32 26.20
N LEU C 35 -22.64 -25.43 25.35
CA LEU C 35 -22.58 -25.71 23.93
C LEU C 35 -21.63 -26.86 23.61
N SER C 36 -20.58 -27.03 24.43
CA SER C 36 -19.62 -28.10 24.17
C SER C 36 -20.25 -29.48 24.30
N GLN C 37 -21.06 -29.68 25.35
CA GLN C 37 -21.68 -30.98 25.56
C GLN C 37 -22.62 -31.34 24.43
N ILE C 38 -23.25 -30.35 23.80
CA ILE C 38 -24.18 -30.63 22.72
C ILE C 38 -23.43 -30.81 21.41
N THR C 39 -22.37 -30.04 21.19
CA THR C 39 -21.61 -30.14 19.95
C THR C 39 -20.65 -31.31 19.92
N ASN C 40 -20.37 -31.94 21.06
CA ASN C 40 -19.50 -33.11 21.08
C ASN C 40 -20.13 -34.31 20.38
N ASN C 41 -21.43 -34.27 20.07
CA ASN C 41 -22.09 -35.38 19.43
C ASN C 41 -21.79 -35.47 17.93
N ILE C 42 -21.30 -34.39 17.33
CA ILE C 42 -20.99 -34.35 15.91
C ILE C 42 -19.47 -34.39 15.75
N ASP C 43 -19.03 -34.95 14.62
CA ASP C 43 -17.61 -35.06 14.36
C ASP C 43 -17.00 -33.68 14.11
N PRO C 44 -15.70 -33.51 14.38
CA PRO C 44 -15.06 -32.21 14.17
C PRO C 44 -14.80 -31.94 12.70
N VAL C 45 -14.50 -30.68 12.40
CA VAL C 45 -14.20 -30.26 11.04
C VAL C 45 -12.75 -30.60 10.72
N GLY C 46 -12.49 -30.92 9.46
CA GLY C 46 -11.16 -31.27 9.02
C GLY C 46 -10.26 -30.06 8.92
N ARG C 47 -8.99 -30.33 8.59
CA ARG C 47 -8.01 -29.28 8.45
C ARG C 47 -8.37 -28.38 7.27
N ILE C 48 -8.52 -27.09 7.53
CA ILE C 48 -8.89 -26.11 6.51
C ILE C 48 -7.60 -25.47 5.99
N GLN C 49 -7.35 -25.63 4.70
CA GLN C 49 -6.17 -25.08 4.04
C GLN C 49 -6.60 -23.93 3.14
N MET C 50 -6.11 -22.73 3.43
CA MET C 50 -6.42 -21.53 2.65
C MET C 50 -5.12 -20.95 2.12
N ARG C 51 -5.01 -20.90 0.79
CA ARG C 51 -3.82 -20.36 0.12
C ARG C 51 -4.15 -18.98 -0.44
N THR C 52 -3.26 -18.02 -0.21
CA THR C 52 -3.47 -16.67 -0.69
C THR C 52 -3.54 -16.66 -2.21
N ARG C 53 -4.60 -16.06 -2.75
CA ARG C 53 -4.81 -15.99 -4.19
C ARG C 53 -4.26 -14.67 -4.75
N ARG C 54 -4.77 -13.55 -4.26
CA ARG C 54 -4.37 -12.23 -4.71
C ARG C 54 -3.59 -11.52 -3.61
N THR C 55 -2.56 -10.77 -4.00
CA THR C 55 -1.73 -10.00 -3.08
C THR C 55 -1.83 -8.53 -3.49
N LEU C 56 -2.82 -7.84 -2.93
CA LEU C 56 -3.04 -6.43 -3.26
C LEU C 56 -1.88 -5.59 -2.75
N ARG C 57 -1.30 -4.79 -3.65
CA ARG C 57 -0.19 -3.90 -3.32
C ARG C 57 -0.50 -2.50 -3.80
N GLY C 58 0.07 -1.52 -3.11
CA GLY C 58 -0.14 -0.13 -3.46
C GLY C 58 -0.22 0.79 -2.25
N HIS C 59 -0.50 0.23 -1.08
CA HIS C 59 -0.57 1.01 0.14
C HIS C 59 0.82 1.28 0.69
N LEU C 60 1.01 2.50 1.21
CA LEU C 60 2.28 2.91 1.81
C LEU C 60 2.13 3.23 3.30
N ALA C 61 1.02 2.83 3.90
CA ALA C 61 0.76 3.11 5.31
C ALA C 61 0.08 1.90 5.93
N LYS C 62 -0.14 1.97 7.24
CA LYS C 62 -0.76 0.87 7.98
C LYS C 62 -2.26 0.82 7.70
N ILE C 63 -2.77 -0.39 7.51
CA ILE C 63 -4.20 -0.61 7.26
C ILE C 63 -4.91 -0.73 8.60
N TYR C 64 -6.12 -0.19 8.68
CA TYR C 64 -6.91 -0.24 9.91
C TYR C 64 -8.36 -0.66 9.69
N ALA C 65 -8.91 -0.53 8.48
CA ALA C 65 -10.31 -0.88 8.25
C ALA C 65 -10.50 -1.28 6.80
N MET C 66 -11.42 -2.21 6.58
CA MET C 66 -11.77 -2.66 5.24
C MET C 66 -13.16 -3.26 5.29
N HIS C 67 -13.89 -3.13 4.18
CA HIS C 67 -15.25 -3.63 4.11
C HIS C 67 -15.59 -4.00 2.68
N TRP C 68 -16.25 -5.15 2.51
CA TRP C 68 -16.69 -5.63 1.21
C TRP C 68 -18.00 -4.96 0.80
N GLY C 69 -18.41 -5.25 -0.44
CA GLY C 69 -19.69 -4.78 -0.95
C GLY C 69 -20.66 -5.93 -1.16
N THR C 70 -21.89 -5.54 -1.53
CA THR C 70 -22.93 -6.55 -1.78
C THR C 70 -22.56 -7.45 -2.95
N ASP C 71 -21.85 -6.93 -3.94
CA ASP C 71 -21.44 -7.71 -5.10
C ASP C 71 -20.40 -8.76 -4.76
N SER C 72 -19.81 -8.71 -3.56
CA SER C 72 -18.81 -9.67 -3.12
C SER C 72 -17.55 -9.63 -3.98
N ARG C 73 -17.34 -8.54 -4.72
CA ARG C 73 -16.16 -8.37 -5.55
C ARG C 73 -15.37 -7.12 -5.23
N LEU C 74 -16.04 -6.01 -4.92
CA LEU C 74 -15.37 -4.78 -4.55
C LEU C 74 -15.19 -4.71 -3.04
N LEU C 75 -14.04 -4.19 -2.61
CA LEU C 75 -13.79 -4.00 -1.19
C LEU C 75 -13.02 -2.69 -0.99
N VAL C 76 -13.53 -1.85 -0.10
CA VAL C 76 -12.94 -0.54 0.19
C VAL C 76 -12.07 -0.69 1.43
N SER C 77 -10.84 -0.18 1.36
CA SER C 77 -9.89 -0.25 2.45
C SER C 77 -9.35 1.13 2.78
N ALA C 78 -9.10 1.37 4.06
CA ALA C 78 -8.58 2.65 4.54
C ALA C 78 -7.17 2.46 5.09
N SER C 79 -6.35 3.49 4.91
CA SER C 79 -4.97 3.48 5.39
C SER C 79 -4.65 4.85 6.00
N GLN C 80 -3.59 4.86 6.82
CA GLN C 80 -3.18 6.09 7.50
C GLN C 80 -2.62 7.14 6.55
N ASP C 81 -2.38 6.79 5.28
CA ASP C 81 -1.88 7.76 4.31
C ASP C 81 -2.96 8.72 3.82
N GLY C 82 -4.21 8.53 4.23
CA GLY C 82 -5.26 9.42 3.79
C GLY C 82 -5.82 9.11 2.43
N LYS C 83 -5.73 7.86 1.98
CA LYS C 83 -6.20 7.45 0.66
C LYS C 83 -7.08 6.21 0.82
N LEU C 84 -8.34 6.34 0.43
CA LEU C 84 -9.28 5.21 0.44
C LEU C 84 -9.28 4.57 -0.94
N ILE C 85 -8.99 3.27 -1.00
CA ILE C 85 -8.85 2.54 -2.25
C ILE C 85 -9.93 1.47 -2.30
N ILE C 86 -10.63 1.39 -3.44
CA ILE C 86 -11.63 0.36 -3.67
C ILE C 86 -11.02 -0.66 -4.62
N TRP C 87 -10.65 -1.82 -4.08
CA TRP C 87 -10.01 -2.88 -4.84
C TRP C 87 -11.05 -3.85 -5.39
N ASP C 88 -10.68 -4.48 -6.50
CA ASP C 88 -11.48 -5.52 -7.14
C ASP C 88 -10.85 -6.86 -6.83
N SER C 89 -11.64 -7.79 -6.28
CA SER C 89 -11.10 -9.06 -5.83
C SER C 89 -10.63 -9.92 -7.01
N TYR C 90 -11.33 -9.84 -8.14
CA TYR C 90 -11.02 -10.71 -9.26
C TYR C 90 -9.86 -10.20 -10.10
N THR C 91 -9.71 -8.87 -10.23
CA THR C 91 -8.67 -8.29 -11.06
C THR C 91 -7.63 -7.50 -10.27
N THR C 92 -7.86 -7.22 -8.99
CA THR C 92 -6.91 -6.50 -8.16
C THR C 92 -6.62 -5.10 -8.70
N ASN C 93 -7.56 -4.55 -9.48
CA ASN C 93 -7.42 -3.21 -10.03
C ASN C 93 -8.14 -2.21 -9.14
N LYS C 94 -7.58 -1.01 -9.04
CA LYS C 94 -8.16 0.06 -8.22
C LYS C 94 -9.29 0.74 -9.00
N VAL C 95 -10.48 0.74 -8.42
CA VAL C 95 -11.63 1.35 -9.07
C VAL C 95 -11.69 2.85 -8.80
N HIS C 96 -11.39 3.26 -7.57
CA HIS C 96 -11.36 4.68 -7.21
C HIS C 96 -10.29 4.90 -6.16
N ALA C 97 -9.87 6.16 -6.04
CA ALA C 97 -8.86 6.56 -5.05
C ALA C 97 -9.32 7.88 -4.44
N ILE C 98 -9.94 7.81 -3.27
CA ILE C 98 -10.50 8.98 -2.60
C ILE C 98 -9.40 9.59 -1.72
N PRO C 99 -8.96 10.83 -1.98
CA PRO C 99 -7.98 11.48 -1.10
C PRO C 99 -8.67 12.13 0.09
N LEU C 100 -8.26 11.72 1.29
CA LEU C 100 -8.87 12.24 2.51
C LEU C 100 -8.17 13.50 2.97
N ARG C 101 -8.97 14.46 3.46
CA ARG C 101 -8.40 15.69 3.99
C ARG C 101 -7.61 15.43 5.26
N SER C 102 -8.07 14.51 6.10
CA SER C 102 -7.40 14.12 7.33
C SER C 102 -6.86 12.71 7.16
N SER C 103 -5.53 12.59 7.11
CA SER C 103 -4.91 11.29 6.88
C SER C 103 -5.07 10.34 8.07
N TRP C 104 -5.54 10.83 9.20
CA TRP C 104 -5.69 9.99 10.40
C TRP C 104 -7.05 9.29 10.39
N VAL C 105 -7.27 8.50 9.36
CA VAL C 105 -8.49 7.72 9.21
C VAL C 105 -8.30 6.38 9.90
N MET C 106 -9.36 5.91 10.58
CA MET C 106 -9.31 4.66 11.31
C MET C 106 -10.43 3.69 10.96
N THR C 107 -11.53 4.15 10.39
CA THR C 107 -12.65 3.30 10.03
C THR C 107 -13.17 3.68 8.65
N CYS C 108 -13.80 2.70 7.99
CA CYS C 108 -14.38 2.91 6.67
C CYS C 108 -15.55 1.96 6.50
N ALA C 109 -16.53 2.39 5.69
CA ALA C 109 -17.73 1.60 5.46
C ALA C 109 -18.11 1.71 3.99
N TYR C 110 -18.68 0.62 3.47
CA TYR C 110 -19.15 0.55 2.09
C TYR C 110 -20.65 0.32 2.10
N ALA C 111 -21.41 1.30 1.60
CA ALA C 111 -22.85 1.18 1.60
C ALA C 111 -23.31 -0.06 0.83
N PRO C 112 -24.51 -0.55 1.12
CA PRO C 112 -24.99 -1.74 0.38
C PRO C 112 -25.01 -1.54 -1.11
N SER C 113 -25.67 -0.48 -1.59
CA SER C 113 -25.73 -0.22 -3.02
C SER C 113 -24.39 0.23 -3.60
N GLY C 114 -23.43 0.61 -2.75
CA GLY C 114 -22.14 1.06 -3.22
C GLY C 114 -22.12 2.45 -3.80
N ASN C 115 -23.19 3.23 -3.64
CA ASN C 115 -23.23 4.59 -4.17
C ASN C 115 -22.51 5.57 -3.26
N TYR C 116 -22.46 5.31 -1.96
CA TYR C 116 -21.82 6.18 -1.00
C TYR C 116 -20.90 5.36 -0.10
N VAL C 117 -19.88 6.03 0.43
CA VAL C 117 -18.93 5.41 1.36
C VAL C 117 -18.69 6.38 2.51
N ALA C 118 -18.52 5.82 3.71
CA ALA C 118 -18.32 6.60 4.91
C ALA C 118 -16.93 6.35 5.47
N CYS C 119 -16.35 7.38 6.08
CA CYS C 119 -15.03 7.24 6.68
C CYS C 119 -14.93 8.21 7.86
N GLY C 120 -14.00 7.91 8.76
CA GLY C 120 -13.79 8.74 9.93
C GLY C 120 -12.49 8.38 10.62
N GLY C 121 -12.17 9.15 11.66
CA GLY C 121 -10.97 8.92 12.42
C GLY C 121 -10.78 9.90 13.56
N LEU C 122 -9.53 10.31 13.79
CA LEU C 122 -9.23 11.25 14.86
C LEU C 122 -9.80 12.64 14.62
N ASP C 123 -10.29 12.91 13.41
CA ASP C 123 -10.87 14.21 13.12
C ASP C 123 -12.21 14.44 13.81
N ASN C 124 -12.79 13.41 14.42
CA ASN C 124 -14.06 13.52 15.13
C ASN C 124 -15.21 13.93 14.20
N ILE C 125 -15.05 13.72 12.89
CA ILE C 125 -16.07 14.05 11.91
C ILE C 125 -16.11 12.92 10.89
N CYS C 126 -17.33 12.51 10.51
CA CYS C 126 -17.52 11.42 9.56
C CYS C 126 -17.79 12.00 8.18
N SER C 127 -16.93 11.68 7.22
CA SER C 127 -17.07 12.17 5.85
C SER C 127 -17.75 11.10 4.99
N ILE C 128 -18.66 11.56 4.14
CA ILE C 128 -19.38 10.69 3.20
C ILE C 128 -18.98 11.11 1.79
N TYR C 129 -18.54 10.15 0.99
CA TYR C 129 -18.14 10.38 -0.38
C TYR C 129 -19.06 9.60 -1.33
N ASN C 130 -19.55 10.30 -2.35
CA ASN C 130 -20.43 9.71 -3.36
C ASN C 130 -19.59 9.23 -4.53
N LEU C 131 -19.82 7.97 -4.94
CA LEU C 131 -19.08 7.38 -6.04
C LEU C 131 -19.81 7.49 -7.37
N LYS C 132 -21.11 7.73 -7.36
CA LYS C 132 -21.91 7.83 -8.58
C LYS C 132 -22.19 9.28 -8.96
N THR C 133 -21.26 10.19 -8.69
CA THR C 133 -21.45 11.59 -9.02
C THR C 133 -21.41 11.80 -10.54
N ARG C 134 -22.29 12.68 -11.02
CA ARG C 134 -22.31 12.97 -12.45
C ARG C 134 -21.05 13.70 -12.89
N GLU C 135 -20.43 14.46 -11.99
CA GLU C 135 -19.22 15.19 -12.34
C GLU C 135 -18.10 14.24 -12.75
N GLY C 136 -18.09 13.02 -12.22
CA GLY C 136 -17.10 12.03 -12.54
C GLY C 136 -15.97 11.89 -11.53
N ASN C 137 -15.91 12.78 -10.54
CA ASN C 137 -14.89 12.74 -9.51
C ASN C 137 -15.54 12.53 -8.15
N VAL C 138 -14.95 11.63 -7.36
CA VAL C 138 -15.49 11.32 -6.03
C VAL C 138 -15.25 12.53 -5.13
N ARG C 139 -16.34 13.15 -4.68
CA ARG C 139 -16.28 14.32 -3.83
C ARG C 139 -17.08 14.07 -2.56
N VAL C 140 -16.65 14.71 -1.47
CA VAL C 140 -17.34 14.54 -0.19
C VAL C 140 -18.77 15.05 -0.32
N SER C 141 -19.72 14.23 0.11
CA SER C 141 -21.14 14.58 0.04
C SER C 141 -21.59 15.31 1.30
N ARG C 142 -21.40 14.69 2.47
CA ARG C 142 -21.85 15.27 3.73
C ARG C 142 -20.82 15.01 4.81
N GLU C 143 -20.68 15.99 5.70
CA GLU C 143 -19.79 15.90 6.85
C GLU C 143 -20.63 15.88 8.13
N LEU C 144 -20.66 14.73 8.79
CA LEU C 144 -21.39 14.56 10.05
C LEU C 144 -20.44 14.92 11.19
N ALA C 145 -20.71 16.07 11.80
CA ALA C 145 -19.90 16.58 12.90
C ALA C 145 -20.74 16.65 14.17
N GLY C 146 -20.06 16.58 15.31
CA GLY C 146 -20.73 16.63 16.60
C GLY C 146 -20.11 15.70 17.62
N HIS C 147 -19.38 14.69 17.14
CA HIS C 147 -18.72 13.76 18.04
C HIS C 147 -17.54 14.44 18.74
N THR C 148 -17.43 14.21 20.04
CA THR C 148 -16.34 14.74 20.84
C THR C 148 -15.16 13.80 20.92
N GLY C 149 -15.17 12.70 20.16
CA GLY C 149 -14.08 11.75 20.16
C GLY C 149 -13.85 11.18 18.77
N TYR C 150 -12.74 10.45 18.65
CA TYR C 150 -12.37 9.87 17.36
C TYR C 150 -13.40 8.82 16.95
N LEU C 151 -13.60 8.71 15.63
CA LEU C 151 -14.51 7.71 15.08
C LEU C 151 -13.83 6.35 15.09
N SER C 152 -14.44 5.38 15.78
CA SER C 152 -13.88 4.04 15.88
C SER C 152 -14.44 3.09 14.84
N CYS C 153 -15.74 3.19 14.56
CA CYS C 153 -16.38 2.30 13.59
C CYS C 153 -17.66 2.95 13.08
N CYS C 154 -18.09 2.51 11.91
CA CYS C 154 -19.29 3.04 11.29
C CYS C 154 -19.81 2.03 10.28
N ARG C 155 -21.14 1.98 10.15
CA ARG C 155 -21.79 1.06 9.22
C ARG C 155 -23.04 1.73 8.67
N PHE C 156 -23.40 1.35 7.45
CA PHE C 156 -24.56 1.92 6.76
C PHE C 156 -25.81 1.15 7.15
N LEU C 157 -26.73 1.83 7.84
CA LEU C 157 -28.02 1.22 8.13
C LEU C 157 -28.91 1.22 6.90
N ASP C 158 -28.88 2.29 6.12
CA ASP C 158 -29.69 2.41 4.92
C ASP C 158 -29.10 3.51 4.05
N ASP C 159 -29.59 3.58 2.81
CA ASP C 159 -29.10 4.61 1.90
C ASP C 159 -29.37 6.02 2.43
N ASN C 160 -30.36 6.16 3.32
CA ASN C 160 -30.74 7.47 3.84
C ASN C 160 -30.09 7.77 5.19
N GLN C 161 -30.05 6.79 6.10
CA GLN C 161 -29.51 6.97 7.44
C GLN C 161 -28.26 6.12 7.61
N ILE C 162 -27.46 6.47 8.63
CA ILE C 162 -26.22 5.78 8.93
C ILE C 162 -25.99 5.82 10.43
N VAL C 163 -25.20 4.88 10.92
CA VAL C 163 -24.82 4.81 12.33
C VAL C 163 -23.30 4.90 12.43
N THR C 164 -22.83 5.64 13.43
CA THR C 164 -21.41 5.84 13.64
C THR C 164 -21.10 5.68 15.11
N SER C 165 -19.86 5.29 15.40
CA SER C 165 -19.38 5.08 16.76
C SER C 165 -18.19 6.00 17.03
N SER C 166 -18.26 6.74 18.12
CA SER C 166 -17.21 7.67 18.50
C SER C 166 -16.66 7.28 19.87
N GLY C 167 -15.43 7.72 20.14
CA GLY C 167 -14.76 7.42 21.39
C GLY C 167 -15.29 8.18 22.59
N ASP C 168 -16.34 8.98 22.42
CA ASP C 168 -16.92 9.75 23.52
C ASP C 168 -17.85 8.93 24.40
N THR C 169 -17.87 7.60 24.23
CA THR C 169 -18.69 6.68 25.00
C THR C 169 -20.17 6.77 24.65
N THR C 170 -20.52 7.45 23.56
CA THR C 170 -21.91 7.60 23.15
C THR C 170 -21.97 7.62 21.63
N CYS C 171 -22.87 6.82 21.06
CA CYS C 171 -23.04 6.74 19.62
C CYS C 171 -24.23 7.60 19.18
N ALA C 172 -24.37 7.77 17.87
CA ALA C 172 -25.45 8.57 17.33
C ALA C 172 -25.80 8.09 15.94
N LEU C 173 -27.08 8.20 15.60
CA LEU C 173 -27.59 7.85 14.28
C LEU C 173 -27.82 9.13 13.50
N TRP C 174 -27.14 9.25 12.35
CA TRP C 174 -27.17 10.46 11.54
C TRP C 174 -27.89 10.22 10.23
N ASP C 175 -28.78 11.14 9.89
CA ASP C 175 -29.48 11.11 8.61
C ASP C 175 -28.69 11.89 7.57
N ILE C 176 -28.53 11.30 6.39
CA ILE C 176 -27.73 11.93 5.34
C ILE C 176 -28.43 13.18 4.81
N GLU C 177 -29.69 13.02 4.39
CA GLU C 177 -30.42 14.16 3.82
C GLU C 177 -30.52 15.30 4.83
N THR C 178 -30.64 14.98 6.12
CA THR C 178 -30.76 16.00 7.15
C THR C 178 -29.41 16.42 7.70
N GLY C 179 -28.54 15.45 8.01
CA GLY C 179 -27.22 15.74 8.54
C GLY C 179 -27.17 15.96 10.03
N GLN C 180 -28.29 15.85 10.73
CA GLN C 180 -28.35 16.04 12.18
C GLN C 180 -28.72 14.72 12.85
N GLN C 181 -28.02 14.40 13.94
CA GLN C 181 -28.28 13.16 14.66
C GLN C 181 -29.71 13.15 15.20
N THR C 182 -30.44 12.06 14.92
CA THR C 182 -31.81 11.92 15.38
C THR C 182 -31.90 11.13 16.68
N THR C 183 -31.08 10.09 16.83
CA THR C 183 -31.06 9.26 18.02
C THR C 183 -29.66 9.22 18.60
N THR C 184 -29.55 9.30 19.93
CA THR C 184 -28.28 9.30 20.63
C THR C 184 -28.26 8.14 21.60
N PHE C 185 -27.38 7.17 21.37
CA PHE C 185 -27.25 5.99 22.22
C PHE C 185 -26.21 6.28 23.30
N THR C 186 -26.64 6.23 24.56
CA THR C 186 -25.78 6.47 25.71
C THR C 186 -25.93 5.34 26.71
N GLY C 187 -24.89 5.13 27.50
CA GLY C 187 -24.90 4.08 28.51
C GLY C 187 -23.56 3.40 28.68
N HIS C 188 -22.70 3.52 27.68
CA HIS C 188 -21.38 2.92 27.74
C HIS C 188 -20.47 3.70 28.69
N THR C 189 -19.75 2.97 29.53
CA THR C 189 -18.79 3.60 30.45
C THR C 189 -17.42 3.78 29.80
N GLY C 190 -17.09 2.99 28.79
CA GLY C 190 -15.84 3.11 28.08
C GLY C 190 -16.06 3.49 26.62
N ASP C 191 -14.95 3.81 25.96
CA ASP C 191 -15.02 4.21 24.55
C ASP C 191 -15.49 3.03 23.70
N VAL C 192 -16.48 3.29 22.83
CA VAL C 192 -16.96 2.27 21.92
C VAL C 192 -15.92 2.03 20.83
N MET C 193 -15.63 0.76 20.57
CA MET C 193 -14.55 0.38 19.66
C MET C 193 -15.04 -0.10 18.30
N SER C 194 -16.08 -0.93 18.25
CA SER C 194 -16.55 -1.49 16.98
C SER C 194 -18.05 -1.69 17.05
N LEU C 195 -18.64 -1.85 15.86
CA LEU C 195 -20.08 -2.07 15.72
C LEU C 195 -20.30 -3.30 14.84
N SER C 196 -21.57 -3.72 14.77
CA SER C 196 -21.95 -4.85 13.92
C SER C 196 -23.45 -4.81 13.71
N LEU C 197 -23.88 -4.74 12.46
CA LEU C 197 -25.30 -4.66 12.13
C LEU C 197 -25.88 -6.05 11.93
N ALA C 198 -27.13 -6.21 12.31
CA ALA C 198 -27.83 -7.48 12.15
C ALA C 198 -28.35 -7.63 10.72
N PRO C 199 -28.67 -8.85 10.30
CA PRO C 199 -29.19 -9.04 8.93
C PRO C 199 -30.42 -8.22 8.64
N ASP C 200 -31.27 -7.96 9.65
CA ASP C 200 -32.49 -7.20 9.46
C ASP C 200 -32.28 -5.70 9.65
N THR C 201 -31.13 -5.28 10.17
CA THR C 201 -30.80 -3.87 10.41
C THR C 201 -31.70 -3.23 11.44
N ARG C 202 -32.41 -4.02 12.25
CA ARG C 202 -33.28 -3.49 13.28
C ARG C 202 -32.57 -3.34 14.63
N LEU C 203 -31.64 -4.24 14.94
CA LEU C 203 -30.89 -4.20 16.18
C LEU C 203 -29.41 -4.36 15.87
N PHE C 204 -28.57 -3.79 16.74
CA PHE C 204 -27.13 -3.87 16.54
C PHE C 204 -26.43 -3.86 17.90
N VAL C 205 -25.36 -4.64 18.00
CA VAL C 205 -24.58 -4.75 19.23
C VAL C 205 -23.33 -3.88 19.09
N SER C 206 -22.92 -3.28 20.20
CA SER C 206 -21.75 -2.42 20.24
C SER C 206 -20.93 -2.72 21.48
N GLY C 207 -19.61 -2.83 21.30
CA GLY C 207 -18.70 -3.10 22.39
C GLY C 207 -17.82 -1.89 22.69
N ALA C 208 -17.47 -1.74 23.97
CA ALA C 208 -16.70 -0.62 24.45
C ALA C 208 -15.54 -1.12 25.30
N CYS C 209 -14.69 -0.17 25.72
CA CYS C 209 -13.52 -0.50 26.52
C CYS C 209 -13.88 -0.95 27.93
N ASP C 210 -15.14 -0.84 28.34
CA ASP C 210 -15.57 -1.25 29.67
C ASP C 210 -15.75 -2.76 29.79
N ALA C 211 -15.29 -3.54 28.81
CA ALA C 211 -15.37 -5.00 28.85
C ALA C 211 -16.83 -5.45 28.97
N SER C 212 -17.65 -4.99 28.03
CA SER C 212 -19.06 -5.35 27.99
C SER C 212 -19.66 -4.84 26.70
N ALA C 213 -20.66 -5.56 26.19
CA ALA C 213 -21.36 -5.21 24.96
C ALA C 213 -22.80 -4.84 25.28
N LYS C 214 -23.41 -4.03 24.41
CA LYS C 214 -24.78 -3.57 24.59
C LYS C 214 -25.53 -3.64 23.28
N LEU C 215 -26.76 -4.12 23.35
CA LEU C 215 -27.64 -4.20 22.18
C LEU C 215 -28.50 -2.95 22.12
N TRP C 216 -28.66 -2.40 20.92
CA TRP C 216 -29.41 -1.16 20.71
C TRP C 216 -30.35 -1.32 19.52
N ASP C 217 -31.49 -0.66 19.61
CA ASP C 217 -32.51 -0.68 18.56
C ASP C 217 -32.48 0.64 17.80
N VAL C 218 -32.92 0.58 16.54
CA VAL C 218 -32.88 1.77 15.69
C VAL C 218 -34.03 2.70 16.02
N ARG C 219 -35.27 2.19 16.02
CA ARG C 219 -36.43 3.04 16.23
C ARG C 219 -36.56 3.45 17.70
N GLU C 220 -36.32 2.54 18.63
CA GLU C 220 -36.45 2.85 20.04
C GLU C 220 -35.27 3.67 20.55
N GLY C 221 -34.05 3.24 20.23
CA GLY C 221 -32.88 3.97 20.67
C GLY C 221 -32.50 3.77 22.12
N MET C 222 -32.85 2.62 22.69
CA MET C 222 -32.55 2.30 24.08
C MET C 222 -31.76 1.00 24.15
N CYS C 223 -30.96 0.87 25.21
CA CYS C 223 -30.16 -0.33 25.43
C CYS C 223 -31.09 -1.52 25.68
N ARG C 224 -31.18 -2.43 24.72
CA ARG C 224 -32.10 -3.56 24.86
C ARG C 224 -31.57 -4.58 25.86
N GLN C 225 -30.26 -4.78 25.89
CA GLN C 225 -29.67 -5.80 26.77
C GLN C 225 -28.18 -5.56 26.88
N THR C 226 -27.60 -6.06 27.96
CA THR C 226 -26.17 -5.94 28.22
C THR C 226 -25.56 -7.32 28.39
N PHE C 227 -24.33 -7.48 27.88
CA PHE C 227 -23.59 -8.73 27.96
C PHE C 227 -22.22 -8.46 28.56
N THR C 228 -21.84 -9.27 29.55
CA THR C 228 -20.56 -9.12 30.22
C THR C 228 -19.83 -10.45 30.22
N GLY C 229 -18.56 -10.41 30.62
CA GLY C 229 -17.73 -11.60 30.66
C GLY C 229 -16.29 -11.34 30.25
N HIS C 230 -16.05 -10.23 29.56
CA HIS C 230 -14.71 -9.88 29.12
C HIS C 230 -13.91 -9.30 30.27
N GLU C 231 -12.58 -9.45 30.19
CA GLU C 231 -11.67 -8.93 31.19
C GLU C 231 -10.84 -7.76 30.68
N SER C 232 -11.00 -7.36 29.42
CA SER C 232 -10.24 -6.27 28.85
C SER C 232 -11.14 -5.51 27.87
N ASP C 233 -10.56 -4.52 27.20
CA ASP C 233 -11.32 -3.71 26.26
C ASP C 233 -11.70 -4.53 25.04
N ILE C 234 -12.99 -4.52 24.69
CA ILE C 234 -13.47 -5.26 23.54
C ILE C 234 -13.08 -4.50 22.28
N ASN C 235 -12.21 -5.10 21.47
CA ASN C 235 -11.71 -4.45 20.26
C ASN C 235 -12.62 -4.70 19.05
N ALA C 236 -13.12 -5.92 18.89
CA ALA C 236 -13.91 -6.27 17.72
C ALA C 236 -15.22 -6.92 18.14
N ILE C 237 -16.24 -6.76 17.30
CA ILE C 237 -17.54 -7.37 17.54
C ILE C 237 -18.18 -7.64 16.19
N CYS C 238 -18.73 -8.84 16.04
CA CYS C 238 -19.37 -9.25 14.79
C CYS C 238 -20.69 -9.93 15.09
N PHE C 239 -21.63 -9.78 14.17
CA PHE C 239 -22.95 -10.38 14.30
C PHE C 239 -22.98 -11.75 13.65
N PHE C 240 -23.76 -12.66 14.25
CA PHE C 240 -23.87 -14.00 13.70
C PHE C 240 -24.77 -13.97 12.46
N PRO C 241 -24.46 -14.77 11.43
CA PRO C 241 -25.29 -14.73 10.22
C PRO C 241 -26.77 -14.93 10.47
N ASN C 242 -27.14 -15.67 11.53
CA ASN C 242 -28.54 -15.89 11.83
C ASN C 242 -29.20 -14.70 12.52
N GLY C 243 -28.40 -13.82 13.13
CA GLY C 243 -28.93 -12.64 13.79
C GLY C 243 -29.34 -12.83 15.23
N ASN C 244 -29.19 -14.04 15.79
CA ASN C 244 -29.57 -14.31 17.16
C ASN C 244 -28.38 -14.38 18.11
N ALA C 245 -27.16 -14.26 17.60
CA ALA C 245 -25.95 -14.31 18.43
C ALA C 245 -24.92 -13.36 17.84
N PHE C 246 -23.84 -13.18 18.60
CA PHE C 246 -22.77 -12.29 18.16
C PHE C 246 -21.49 -12.63 18.92
N ALA C 247 -20.36 -12.50 18.24
CA ALA C 247 -19.05 -12.75 18.81
C ALA C 247 -18.34 -11.45 19.13
N THR C 248 -17.49 -11.50 20.16
CA THR C 248 -16.73 -10.35 20.62
C THR C 248 -15.30 -10.78 20.90
N GLY C 249 -14.36 -9.89 20.60
CA GLY C 249 -12.96 -10.12 20.85
C GLY C 249 -12.28 -8.93 21.51
N SER C 250 -11.59 -9.19 22.61
CA SER C 250 -10.96 -8.15 23.43
C SER C 250 -9.47 -8.44 23.52
N ASP C 251 -8.78 -7.63 24.33
CA ASP C 251 -7.34 -7.78 24.51
C ASP C 251 -6.97 -8.96 25.40
N ASP C 252 -7.93 -9.66 25.98
CA ASP C 252 -7.65 -10.77 26.87
C ASP C 252 -7.26 -12.05 26.12
N ALA C 253 -7.04 -11.97 24.81
CA ALA C 253 -6.56 -13.10 24.03
C ALA C 253 -7.56 -14.26 24.05
N THR C 254 -8.83 -13.93 23.81
CA THR C 254 -9.88 -14.93 23.77
C THR C 254 -11.17 -14.29 23.26
N CYS C 255 -11.92 -15.04 22.47
CA CYS C 255 -13.20 -14.59 21.95
C CYS C 255 -14.33 -15.08 22.84
N ARG C 256 -15.50 -14.45 22.69
CA ARG C 256 -16.67 -14.81 23.46
C ARG C 256 -17.91 -14.69 22.58
N LEU C 257 -18.68 -15.76 22.50
CA LEU C 257 -19.91 -15.80 21.70
C LEU C 257 -21.10 -15.67 22.65
N PHE C 258 -21.89 -14.62 22.46
CA PHE C 258 -23.08 -14.38 23.29
C PHE C 258 -24.33 -14.54 22.42
N ASP C 259 -25.44 -14.89 23.08
CA ASP C 259 -26.72 -15.07 22.41
C ASP C 259 -27.71 -14.03 22.91
N LEU C 260 -28.45 -13.44 21.97
CA LEU C 260 -29.41 -12.40 22.34
C LEU C 260 -30.60 -12.95 23.11
N ARG C 261 -30.86 -14.25 23.01
CA ARG C 261 -31.99 -14.87 23.70
C ARG C 261 -31.58 -15.56 25.00
N ALA C 262 -30.36 -16.09 25.09
CA ALA C 262 -29.93 -16.75 26.31
C ALA C 262 -29.41 -15.76 27.35
N ASP C 263 -28.87 -14.62 26.91
CA ASP C 263 -28.38 -13.58 27.81
C ASP C 263 -27.16 -14.07 28.59
N GLN C 264 -26.25 -14.76 27.91
CA GLN C 264 -25.02 -15.26 28.54
C GLN C 264 -24.17 -15.90 27.45
N GLU C 265 -22.89 -16.07 27.78
CA GLU C 265 -21.95 -16.64 26.82
C GLU C 265 -22.22 -18.13 26.62
N LEU C 266 -21.95 -18.60 25.41
CA LEU C 266 -22.15 -20.00 25.04
C LEU C 266 -20.86 -20.81 25.11
N MET C 267 -19.77 -20.29 24.54
CA MET C 267 -18.50 -20.99 24.54
C MET C 267 -17.38 -19.97 24.41
N THR C 268 -16.23 -20.31 24.98
CA THR C 268 -15.04 -19.46 24.96
C THR C 268 -13.99 -20.06 24.05
N TYR C 269 -13.24 -19.20 23.36
CA TYR C 269 -12.19 -19.60 22.44
C TYR C 269 -10.86 -19.04 22.96
N SER C 270 -9.94 -19.93 23.31
CA SER C 270 -8.66 -19.50 23.85
C SER C 270 -7.65 -20.65 23.71
N HIS C 271 -6.38 -20.29 23.76
CA HIS C 271 -5.31 -21.28 23.66
C HIS C 271 -4.12 -20.77 24.47
N ASP C 272 -3.36 -21.70 25.05
CA ASP C 272 -2.24 -21.33 25.91
C ASP C 272 -1.21 -20.51 25.16
N ASN C 273 -0.89 -20.89 23.92
CA ASN C 273 0.14 -20.19 23.16
C ASN C 273 -0.29 -18.79 22.74
N ILE C 274 -1.56 -18.46 22.84
CA ILE C 274 -2.07 -17.13 22.47
C ILE C 274 -2.11 -16.28 23.72
N ILE C 275 -1.36 -15.18 23.71
CA ILE C 275 -1.32 -14.25 24.84
C ILE C 275 -1.55 -12.83 24.35
N CYS C 276 -1.60 -12.64 23.04
CA CYS C 276 -1.79 -11.32 22.46
C CYS C 276 -3.28 -11.03 22.27
N GLY C 277 -3.59 -9.75 22.13
CA GLY C 277 -4.97 -9.33 21.95
C GLY C 277 -5.51 -9.66 20.57
N ILE C 278 -6.82 -9.40 20.42
CA ILE C 278 -7.53 -9.65 19.17
C ILE C 278 -7.90 -8.30 18.57
N THR C 279 -7.85 -8.21 17.24
CA THR C 279 -8.11 -6.97 16.52
C THR C 279 -9.38 -7.01 15.68
N SER C 280 -9.69 -8.15 15.06
CA SER C 280 -10.85 -8.24 14.19
C SER C 280 -11.43 -9.64 14.27
N VAL C 281 -12.75 -9.73 14.10
CA VAL C 281 -13.48 -10.99 14.13
C VAL C 281 -14.60 -10.92 13.10
N SER C 282 -14.84 -12.03 12.40
CA SER C 282 -15.88 -12.08 11.40
C SER C 282 -16.31 -13.53 11.18
N PHE C 283 -17.61 -13.73 11.01
CA PHE C 283 -18.16 -15.05 10.75
C PHE C 283 -18.19 -15.35 9.26
N SER C 284 -18.43 -16.62 8.93
CA SER C 284 -18.57 -17.05 7.55
C SER C 284 -20.03 -16.92 7.12
N LYS C 285 -20.32 -17.37 5.90
CA LYS C 285 -21.68 -17.30 5.39
C LYS C 285 -22.61 -18.21 6.21
N SER C 286 -22.16 -19.42 6.50
CA SER C 286 -22.95 -20.37 7.28
C SER C 286 -22.67 -20.29 8.77
N GLY C 287 -21.59 -19.65 9.18
CA GLY C 287 -21.26 -19.54 10.59
C GLY C 287 -20.64 -20.78 11.20
N ARG C 288 -20.39 -21.83 10.41
CA ARG C 288 -19.80 -23.04 10.96
C ARG C 288 -18.39 -22.79 11.47
N LEU C 289 -17.69 -21.81 10.90
CA LEU C 289 -16.33 -21.47 11.30
C LEU C 289 -16.25 -19.99 11.64
N LEU C 290 -15.31 -19.63 12.51
CA LEU C 290 -15.08 -18.24 12.90
C LEU C 290 -13.63 -17.89 12.61
N LEU C 291 -13.37 -16.63 12.30
CA LEU C 291 -12.02 -16.14 12.05
C LEU C 291 -11.71 -15.02 13.03
N ALA C 292 -10.45 -14.97 13.48
CA ALA C 292 -10.04 -13.97 14.46
C ALA C 292 -8.62 -13.52 14.13
N GLY C 293 -8.45 -12.21 13.97
CA GLY C 293 -7.14 -11.63 13.72
C GLY C 293 -6.43 -11.32 15.02
N TYR C 294 -5.21 -11.82 15.14
CA TYR C 294 -4.38 -11.65 16.33
C TYR C 294 -3.16 -10.81 15.97
N ASP C 295 -2.41 -10.42 17.00
CA ASP C 295 -1.24 -9.57 16.83
C ASP C 295 0.02 -10.35 16.51
N ASP C 296 -0.03 -11.67 16.48
CA ASP C 296 1.14 -12.48 16.17
C ASP C 296 1.29 -12.72 14.67
N PHE C 297 1.22 -11.63 13.90
CA PHE C 297 1.51 -11.64 12.46
C PHE C 297 0.78 -12.77 11.75
N ASN C 298 -0.47 -13.01 12.13
CA ASN C 298 -1.29 -14.04 11.47
C ASN C 298 -2.70 -13.99 12.07
N CYS C 299 -3.60 -14.76 11.45
CA CYS C 299 -4.97 -14.91 11.90
C CYS C 299 -5.25 -16.38 12.16
N ASN C 300 -6.27 -16.66 12.97
CA ASN C 300 -6.59 -18.02 13.36
C ASN C 300 -8.07 -18.30 13.15
N VAL C 301 -8.37 -19.54 12.72
CA VAL C 301 -9.74 -19.99 12.51
C VAL C 301 -10.12 -20.91 13.66
N TRP C 302 -11.35 -20.79 14.13
CA TRP C 302 -11.87 -21.57 15.23
C TRP C 302 -13.18 -22.22 14.83
N ASP C 303 -13.51 -23.32 15.50
CA ASP C 303 -14.77 -24.01 15.28
C ASP C 303 -15.85 -23.37 16.14
N ALA C 304 -16.85 -22.77 15.50
CA ALA C 304 -17.91 -22.09 16.25
C ALA C 304 -18.69 -23.06 17.12
N LEU C 305 -18.57 -24.37 16.90
CA LEU C 305 -19.28 -25.38 17.68
C LEU C 305 -18.38 -26.12 18.66
N LYS C 306 -17.11 -26.30 18.34
CA LYS C 306 -16.18 -27.02 19.21
C LYS C 306 -14.97 -26.21 19.63
N ALA C 307 -14.80 -24.99 19.12
CA ALA C 307 -13.70 -24.10 19.46
C ALA C 307 -12.34 -24.67 19.07
N ASP C 308 -12.30 -25.71 18.25
CA ASP C 308 -11.05 -26.29 17.81
C ASP C 308 -10.45 -25.46 16.67
N ARG C 309 -9.14 -25.23 16.74
CA ARG C 309 -8.45 -24.45 15.73
C ARG C 309 -8.55 -25.13 14.36
N ALA C 310 -9.24 -24.49 13.42
CA ALA C 310 -9.41 -25.07 12.10
C ALA C 310 -8.22 -24.77 11.18
N GLY C 311 -7.49 -23.69 11.41
CA GLY C 311 -6.35 -23.38 10.58
C GLY C 311 -5.72 -22.06 10.99
N VAL C 312 -4.58 -21.78 10.39
CA VAL C 312 -3.83 -20.55 10.64
C VAL C 312 -3.52 -19.90 9.31
N LEU C 313 -3.85 -18.62 9.18
CA LEU C 313 -3.58 -17.82 7.99
C LEU C 313 -2.39 -16.91 8.30
N ALA C 314 -1.22 -17.30 7.82
CA ALA C 314 0.01 -16.55 8.02
C ALA C 314 0.47 -15.91 6.72
N GLY C 315 1.37 -14.94 6.85
CA GLY C 315 1.91 -14.25 5.69
C GLY C 315 2.04 -12.76 5.91
N HIS C 316 1.16 -12.19 6.73
CA HIS C 316 1.24 -10.77 7.03
C HIS C 316 2.45 -10.48 7.90
N ASP C 317 3.14 -9.38 7.61
CA ASP C 317 4.39 -9.03 8.26
C ASP C 317 4.20 -7.96 9.32
N ASN C 318 3.02 -7.88 9.92
CA ASN C 318 2.74 -6.91 10.96
C ASN C 318 1.45 -7.30 11.65
N ARG C 319 1.06 -6.51 12.66
CA ARG C 319 -0.15 -6.79 13.42
C ARG C 319 -1.37 -6.78 12.51
N VAL C 320 -2.10 -7.89 12.51
CA VAL C 320 -3.35 -7.97 11.75
C VAL C 320 -4.35 -6.98 12.33
N SER C 321 -4.97 -6.18 11.47
CA SER C 321 -5.83 -5.09 11.90
C SER C 321 -7.30 -5.27 11.49
N CYS C 322 -7.58 -5.91 10.36
CA CYS C 322 -8.95 -6.03 9.91
C CYS C 322 -9.09 -7.27 9.04
N LEU C 323 -10.31 -7.79 8.98
CA LEU C 323 -10.60 -8.94 8.14
C LEU C 323 -12.10 -8.97 7.85
N GLY C 324 -12.45 -9.47 6.67
CA GLY C 324 -13.83 -9.52 6.25
C GLY C 324 -14.13 -10.63 5.27
N VAL C 325 -15.23 -11.34 5.50
CA VAL C 325 -15.67 -12.43 4.64
C VAL C 325 -16.69 -11.91 3.64
N THR C 326 -16.58 -12.34 2.39
CA THR C 326 -17.50 -11.91 1.36
C THR C 326 -18.93 -12.32 1.72
N ASP C 327 -19.89 -11.61 1.13
CA ASP C 327 -21.29 -11.93 1.38
C ASP C 327 -21.63 -13.35 0.91
N ASP C 328 -20.96 -13.82 -0.13
CA ASP C 328 -21.18 -15.17 -0.64
C ASP C 328 -20.28 -16.22 0.02
N GLY C 329 -19.31 -15.79 0.84
CA GLY C 329 -18.44 -16.73 1.50
C GLY C 329 -17.42 -17.38 0.59
N MET C 330 -17.17 -16.81 -0.59
CA MET C 330 -16.20 -17.41 -1.50
C MET C 330 -14.78 -17.27 -0.96
N ALA C 331 -14.39 -16.06 -0.58
CA ALA C 331 -13.06 -15.79 -0.06
C ALA C 331 -13.16 -14.81 1.10
N VAL C 332 -12.04 -14.62 1.80
CA VAL C 332 -11.96 -13.71 2.94
C VAL C 332 -10.73 -12.84 2.78
N ALA C 333 -10.90 -11.53 2.98
CA ALA C 333 -9.80 -10.58 2.87
C ALA C 333 -9.29 -10.22 4.25
N THR C 334 -8.00 -9.92 4.33
CA THR C 334 -7.34 -9.57 5.58
C THR C 334 -6.33 -8.46 5.33
N GLY C 335 -6.41 -7.41 6.14
CA GLY C 335 -5.50 -6.29 6.05
C GLY C 335 -4.79 -6.06 7.37
N SER C 336 -3.50 -5.71 7.29
CA SER C 336 -2.69 -5.51 8.47
C SER C 336 -1.87 -4.24 8.30
N TRP C 337 -1.12 -3.88 9.34
CA TRP C 337 -0.33 -2.67 9.33
C TRP C 337 0.83 -2.72 8.35
N ASP C 338 1.13 -3.88 7.77
CA ASP C 338 2.22 -3.99 6.81
C ASP C 338 1.90 -3.36 5.46
N SER C 339 0.70 -2.80 5.29
CA SER C 339 0.29 -2.12 4.06
C SER C 339 -0.01 -3.09 2.92
N PHE C 340 -0.37 -4.33 3.23
CA PHE C 340 -0.75 -5.32 2.23
C PHE C 340 -2.03 -6.02 2.66
N LEU C 341 -2.95 -6.20 1.72
CA LEU C 341 -4.22 -6.86 1.96
C LEU C 341 -4.26 -8.14 1.13
N LYS C 342 -4.41 -9.27 1.81
CA LYS C 342 -4.37 -10.58 1.16
C LYS C 342 -5.75 -11.23 1.19
N ILE C 343 -6.09 -11.89 0.09
CA ILE C 343 -7.36 -12.59 -0.05
C ILE C 343 -7.07 -14.09 -0.02
N TRP C 344 -7.72 -14.79 0.91
CA TRP C 344 -7.55 -16.22 1.08
C TRP C 344 -8.84 -16.94 0.69
N ASN C 345 -8.68 -18.13 0.11
CA ASN C 345 -9.83 -18.92 -0.32
C ASN C 345 -9.53 -20.40 -0.16
N ALA D 7 -25.75 14.94 41.11
CA ALA D 7 -25.64 14.25 39.79
C ALA D 7 -25.66 12.74 39.98
N SER D 8 -25.03 12.27 41.07
CA SER D 8 -24.99 10.84 41.33
C SER D 8 -26.39 10.25 41.47
N ILE D 9 -27.34 11.04 41.96
CA ILE D 9 -28.70 10.54 42.13
C ILE D 9 -29.30 10.18 40.77
N ALA D 10 -29.15 11.07 39.79
CA ALA D 10 -29.67 10.79 38.47
C ALA D 10 -29.00 9.58 37.83
N GLN D 11 -27.67 9.46 38.02
CA GLN D 11 -26.96 8.30 37.48
C GLN D 11 -27.48 7.01 38.10
N ALA D 12 -27.64 7.00 39.42
CA ALA D 12 -28.14 5.79 40.08
C ALA D 12 -29.56 5.46 39.65
N ARG D 13 -30.40 6.48 39.48
CA ARG D 13 -31.77 6.25 39.03
C ARG D 13 -31.78 5.65 37.63
N LYS D 14 -30.98 6.20 36.72
CA LYS D 14 -30.91 5.65 35.37
C LYS D 14 -30.38 4.22 35.39
N LEU D 15 -29.39 3.95 36.24
CA LEU D 15 -28.83 2.60 36.32
C LEU D 15 -29.88 1.60 36.81
N VAL D 16 -30.60 1.94 37.87
CA VAL D 16 -31.61 1.02 38.39
C VAL D 16 -32.73 0.84 37.38
N GLU D 17 -33.10 1.91 36.67
CA GLU D 17 -34.14 1.78 35.65
C GLU D 17 -33.70 0.85 34.53
N GLN D 18 -32.46 1.01 34.06
CA GLN D 18 -31.95 0.13 33.00
C GLN D 18 -31.87 -1.31 33.48
N LEU D 19 -31.46 -1.53 34.73
CA LEU D 19 -31.39 -2.88 35.26
C LEU D 19 -32.78 -3.51 35.35
N LYS D 20 -33.77 -2.74 35.81
CA LYS D 20 -35.12 -3.26 35.88
C LYS D 20 -35.67 -3.57 34.48
N MET D 21 -35.33 -2.72 33.51
CA MET D 21 -35.78 -2.96 32.14
C MET D 21 -35.16 -4.24 31.57
N GLU D 22 -33.85 -4.41 31.75
CA GLU D 22 -33.18 -5.60 31.24
C GLU D 22 -33.60 -6.86 32.00
N ALA D 23 -34.12 -6.73 33.22
CA ALA D 23 -34.55 -7.88 33.99
C ALA D 23 -35.96 -8.35 33.63
N ASN D 24 -36.62 -7.71 32.67
CA ASN D 24 -37.97 -8.09 32.27
C ASN D 24 -38.04 -8.80 30.93
N ILE D 25 -36.99 -8.71 30.10
CA ILE D 25 -37.04 -9.36 28.80
C ILE D 25 -37.14 -10.87 28.98
N ASP D 26 -37.68 -11.53 27.95
CA ASP D 26 -37.85 -12.97 27.99
C ASP D 26 -36.52 -13.67 27.70
N ARG D 27 -36.41 -14.92 28.16
CA ARG D 27 -35.22 -15.72 27.97
C ARG D 27 -35.63 -17.15 27.63
N ILE D 28 -34.66 -17.92 27.16
CA ILE D 28 -34.87 -19.32 26.78
C ILE D 28 -33.71 -20.15 27.29
N LYS D 29 -33.85 -21.47 27.16
CA LYS D 29 -32.81 -22.38 27.60
C LYS D 29 -31.65 -22.36 26.61
N VAL D 30 -30.43 -22.44 27.16
CA VAL D 30 -29.24 -22.43 26.31
C VAL D 30 -29.24 -23.63 25.37
N SER D 31 -29.83 -24.75 25.79
CA SER D 31 -29.84 -25.94 24.94
C SER D 31 -30.62 -25.68 23.65
N LYS D 32 -31.77 -25.00 23.75
CA LYS D 32 -32.56 -24.74 22.55
C LYS D 32 -31.83 -23.81 21.60
N ALA D 33 -31.19 -22.76 22.13
CA ALA D 33 -30.43 -21.86 21.27
C ALA D 33 -29.26 -22.58 20.61
N ALA D 34 -28.56 -23.43 21.36
CA ALA D 34 -27.46 -24.19 20.77
C ALA D 34 -27.95 -25.12 19.67
N ALA D 35 -29.09 -25.79 19.90
CA ALA D 35 -29.64 -26.67 18.88
C ALA D 35 -30.03 -25.89 17.64
N ASP D 36 -30.64 -24.71 17.82
CA ASP D 36 -31.02 -23.90 16.67
C ASP D 36 -29.80 -23.44 15.89
N LEU D 37 -28.75 -23.01 16.59
CA LEU D 37 -27.53 -22.60 15.90
C LEU D 37 -26.90 -23.76 15.15
N MET D 38 -26.86 -24.94 15.77
CA MET D 38 -26.29 -26.11 15.11
C MET D 38 -27.10 -26.48 13.87
N ALA D 39 -28.43 -26.39 13.97
CA ALA D 39 -29.28 -26.70 12.81
C ALA D 39 -29.03 -25.70 11.69
N TYR D 40 -28.96 -24.41 12.01
CA TYR D 40 -28.67 -23.40 10.99
C TYR D 40 -27.33 -23.67 10.32
N CYS D 41 -26.31 -24.00 11.12
CA CYS D 41 -24.99 -24.25 10.57
C CYS D 41 -24.99 -25.48 9.66
N GLU D 42 -25.63 -26.56 10.11
CA GLU D 42 -25.69 -27.77 9.30
C GLU D 42 -26.49 -27.55 8.02
N ALA D 43 -27.48 -26.66 8.06
CA ALA D 43 -28.28 -26.37 6.87
C ALA D 43 -27.47 -25.55 5.87
N HIS D 44 -26.77 -24.53 6.34
CA HIS D 44 -26.02 -23.65 5.46
C HIS D 44 -24.62 -24.16 5.13
N ALA D 45 -24.20 -25.28 5.70
CA ALA D 45 -22.87 -25.81 5.38
C ALA D 45 -22.77 -26.24 3.93
N LYS D 46 -23.84 -26.83 3.39
CA LYS D 46 -23.79 -27.30 2.01
C LYS D 46 -23.53 -26.18 1.01
N GLU D 47 -23.76 -24.93 1.40
CA GLU D 47 -23.50 -23.77 0.55
C GLU D 47 -22.41 -22.88 1.15
N ASP D 48 -21.41 -23.50 1.77
CA ASP D 48 -20.30 -22.78 2.40
C ASP D 48 -19.02 -23.04 1.61
N PRO D 49 -18.60 -22.13 0.73
CA PRO D 49 -17.36 -22.38 -0.03
C PRO D 49 -16.14 -22.59 0.86
N LEU D 50 -16.04 -21.84 1.97
CA LEU D 50 -14.89 -22.01 2.86
C LEU D 50 -14.84 -23.42 3.43
N LEU D 51 -15.93 -23.86 4.06
CA LEU D 51 -15.95 -25.21 4.62
C LEU D 51 -15.83 -26.27 3.54
N THR D 52 -16.55 -26.10 2.43
CA THR D 52 -16.52 -27.02 1.30
C THR D 52 -15.90 -26.31 0.10
N PRO D 53 -14.59 -26.40 -0.10
CA PRO D 53 -13.97 -25.73 -1.26
C PRO D 53 -14.60 -26.19 -2.56
N VAL D 54 -14.93 -25.24 -3.41
CA VAL D 54 -15.55 -25.52 -4.71
C VAL D 54 -14.44 -25.74 -5.74
N PRO D 55 -14.69 -26.48 -6.81
CA PRO D 55 -13.64 -26.71 -7.82
C PRO D 55 -13.31 -25.43 -8.57
N ALA D 56 -12.25 -25.52 -9.37
CA ALA D 56 -11.80 -24.37 -10.15
C ALA D 56 -12.79 -23.99 -11.24
N SER D 57 -13.71 -24.90 -11.60
CA SER D 57 -14.68 -24.59 -12.65
C SER D 57 -15.59 -23.43 -12.24
N GLU D 58 -15.83 -23.27 -10.94
CA GLU D 58 -16.68 -22.20 -10.43
C GLU D 58 -15.93 -21.16 -9.61
N ASN D 59 -14.85 -21.55 -8.92
CA ASN D 59 -14.07 -20.62 -8.13
C ASN D 59 -13.51 -19.51 -9.01
N PRO D 60 -13.95 -18.26 -8.83
CA PRO D 60 -13.42 -17.18 -9.68
C PRO D 60 -11.99 -16.80 -9.35
N PHE D 61 -11.49 -17.16 -8.17
CA PHE D 61 -10.12 -16.82 -7.76
C PHE D 61 -9.18 -17.87 -8.31
N ARG D 62 -8.53 -17.57 -9.42
CA ARG D 62 -7.58 -18.47 -10.07
C ARG D 62 -6.37 -17.66 -10.50
N GLU D 63 -5.47 -18.30 -11.26
CA GLU D 63 -4.27 -17.63 -11.74
C GLU D 63 -4.63 -16.64 -12.83
N LYS D 64 -4.22 -15.38 -12.64
CA LYS D 64 -4.50 -14.33 -13.61
C LYS D 64 -3.85 -14.65 -14.96
N VAL E 2 -21.61 19.32 -17.01
CA VAL E 2 -21.13 18.54 -18.18
C VAL E 2 -21.63 19.18 -19.47
N GLN E 3 -20.69 19.65 -20.29
CA GLN E 3 -21.03 20.28 -21.55
C GLN E 3 -19.82 20.21 -22.48
N LEU E 4 -20.07 19.85 -23.73
CA LEU E 4 -19.01 19.75 -24.74
C LEU E 4 -19.39 20.63 -25.92
N VAL E 5 -18.50 21.56 -26.28
CA VAL E 5 -18.71 22.48 -27.39
C VAL E 5 -17.58 22.27 -28.38
N GLU E 6 -17.93 21.92 -29.61
CA GLU E 6 -16.95 21.71 -30.66
C GLU E 6 -16.83 22.95 -31.54
N SER E 7 -15.64 23.13 -32.11
CA SER E 7 -15.35 24.24 -33.00
C SER E 7 -14.43 23.76 -34.12
N GLY E 8 -14.68 24.28 -35.31
CA GLY E 8 -13.94 23.89 -36.50
C GLY E 8 -14.79 23.11 -37.47
N GLY E 9 -14.63 23.43 -38.74
CA GLY E 9 -15.38 22.76 -39.79
C GLY E 9 -15.62 23.73 -40.95
N GLY E 10 -16.82 23.66 -41.50
CA GLY E 10 -17.17 24.49 -42.64
C GLY E 10 -16.67 23.91 -43.95
N LEU E 11 -16.80 24.71 -45.00
CA LEU E 11 -16.34 24.30 -46.32
C LEU E 11 -14.82 24.26 -46.36
N VAL E 12 -14.27 23.07 -46.57
CA VAL E 12 -12.82 22.88 -46.63
C VAL E 12 -12.49 22.06 -47.88
N GLN E 13 -11.56 22.55 -48.69
CA GLN E 13 -11.17 21.85 -49.90
C GLN E 13 -10.49 20.54 -49.54
N PRO E 14 -10.41 19.60 -50.50
CA PRO E 14 -9.75 18.32 -50.20
C PRO E 14 -8.30 18.48 -49.75
N GLY E 15 -7.55 19.37 -50.38
CA GLY E 15 -6.15 19.56 -50.03
C GLY E 15 -5.90 20.31 -48.74
N GLY E 16 -6.95 20.86 -48.13
CA GLY E 16 -6.80 21.60 -46.90
C GLY E 16 -6.80 20.71 -45.67
N SER E 17 -6.63 21.35 -44.52
CA SER E 17 -6.62 20.67 -43.24
C SER E 17 -7.40 21.49 -42.23
N ARG E 18 -7.85 20.84 -41.16
CA ARG E 18 -8.67 21.50 -40.14
C ARG E 18 -8.33 20.95 -38.76
N LYS E 19 -8.27 21.85 -37.78
CA LYS E 19 -7.99 21.47 -36.39
C LYS E 19 -9.27 21.64 -35.59
N LEU E 20 -9.98 20.54 -35.37
CA LEU E 20 -11.20 20.56 -34.57
C LEU E 20 -10.84 20.61 -33.09
N SER E 21 -11.50 21.51 -32.36
CA SER E 21 -11.21 21.72 -30.94
C SER E 21 -12.50 21.59 -30.15
N CYS E 22 -12.49 20.68 -29.16
CA CYS E 22 -13.64 20.46 -28.29
C CYS E 22 -13.28 20.95 -26.89
N SER E 23 -14.05 21.93 -26.40
CA SER E 23 -13.82 22.50 -25.08
C SER E 23 -14.54 21.64 -24.03
N ALA E 24 -13.77 21.02 -23.15
CA ALA E 24 -14.31 20.16 -22.11
C ALA E 24 -14.29 20.90 -20.78
N SER E 25 -15.39 20.80 -20.02
CA SER E 25 -15.48 21.45 -18.73
C SER E 25 -16.66 20.85 -17.97
N GLY E 26 -16.60 20.97 -16.65
CA GLY E 26 -17.65 20.45 -15.79
C GLY E 26 -17.48 19.00 -15.39
N PHE E 27 -16.29 18.44 -15.52
CA PHE E 27 -16.04 17.05 -15.16
C PHE E 27 -14.54 16.80 -15.21
N ALA E 28 -14.14 15.62 -14.73
CA ALA E 28 -12.74 15.23 -14.71
C ALA E 28 -12.33 14.81 -16.12
N PHE E 29 -11.90 15.79 -16.91
CA PHE E 29 -11.48 15.51 -18.27
C PHE E 29 -10.28 14.58 -18.31
N SER E 30 -9.40 14.68 -17.31
CA SER E 30 -8.19 13.85 -17.30
C SER E 30 -8.53 12.38 -17.16
N SER E 31 -9.45 12.05 -16.24
CA SER E 31 -9.80 10.65 -15.99
C SER E 31 -10.71 10.07 -17.06
N PHE E 32 -11.46 10.91 -17.78
CA PHE E 32 -12.40 10.46 -18.79
C PHE E 32 -11.79 10.61 -20.18
N GLY E 33 -11.69 9.49 -20.89
CA GLY E 33 -11.23 9.51 -22.27
C GLY E 33 -12.33 9.99 -23.21
N MET E 34 -11.92 10.32 -24.43
CA MET E 34 -12.81 10.89 -25.42
C MET E 34 -12.77 10.08 -26.70
N HIS E 35 -13.93 9.87 -27.30
CA HIS E 35 -14.07 9.18 -28.58
C HIS E 35 -14.70 10.12 -29.59
N TRP E 36 -14.22 10.06 -30.82
CA TRP E 36 -14.78 10.82 -31.94
C TRP E 36 -15.61 9.88 -32.80
N VAL E 37 -16.89 10.20 -32.96
CA VAL E 37 -17.82 9.37 -33.72
C VAL E 37 -18.45 10.25 -34.79
N ARG E 38 -18.20 9.92 -36.05
CA ARG E 38 -18.76 10.67 -37.17
C ARG E 38 -20.13 10.12 -37.56
N GLN E 39 -20.89 10.95 -38.28
CA GLN E 39 -22.21 10.56 -38.75
C GLN E 39 -22.48 11.31 -40.05
N ALA E 40 -22.27 10.64 -41.18
CA ALA E 40 -22.50 11.26 -42.47
C ALA E 40 -23.99 11.41 -42.74
N PRO E 41 -24.38 12.27 -43.67
CA PRO E 41 -25.80 12.47 -43.96
C PRO E 41 -26.47 11.15 -44.35
N GLU E 42 -27.54 10.82 -43.63
CA GLU E 42 -28.32 9.61 -43.88
C GLU E 42 -27.41 8.37 -43.84
N LYS E 43 -26.57 8.30 -42.80
CA LYS E 43 -25.67 7.19 -42.62
C LYS E 43 -25.52 6.91 -41.13
N GLY E 44 -25.05 5.71 -40.81
CA GLY E 44 -24.85 5.31 -39.43
C GLY E 44 -23.60 5.91 -38.83
N LEU E 45 -23.41 5.62 -37.54
CA LEU E 45 -22.26 6.13 -36.81
C LEU E 45 -21.01 5.35 -37.20
N GLU E 46 -19.85 5.85 -36.75
CA GLU E 46 -18.58 5.22 -37.05
C GLU E 46 -17.51 5.80 -36.12
N TRP E 47 -16.74 4.92 -35.49
CA TRP E 47 -15.67 5.35 -34.59
C TRP E 47 -14.46 5.83 -35.39
N VAL E 48 -13.82 6.89 -34.90
CA VAL E 48 -12.70 7.52 -35.58
C VAL E 48 -11.39 7.21 -34.87
N ALA E 49 -11.25 7.63 -33.62
CA ALA E 49 -10.03 7.43 -32.86
C ALA E 49 -10.35 7.48 -31.37
N TYR E 50 -9.32 7.38 -30.54
CA TYR E 50 -9.50 7.41 -29.10
C TYR E 50 -8.16 7.54 -28.42
N ILE E 51 -8.14 8.29 -27.31
CA ILE E 51 -6.96 8.46 -26.47
C ILE E 51 -7.31 7.98 -25.07
N SER E 52 -6.42 7.20 -24.46
CA SER E 52 -6.64 6.72 -23.12
C SER E 52 -6.25 7.77 -22.09
N SER E 53 -6.55 7.47 -20.83
CA SER E 53 -6.23 8.39 -19.75
C SER E 53 -4.72 8.66 -19.70
N GLY E 54 -4.36 9.94 -19.59
CA GLY E 54 -2.96 10.31 -19.55
C GLY E 54 -2.21 10.16 -20.84
N SER E 55 -2.92 10.01 -21.97
CA SER E 55 -2.29 9.84 -23.28
C SER E 55 -1.37 8.63 -23.30
N GLY E 56 -1.69 7.61 -22.50
CA GLY E 56 -0.85 6.42 -22.47
C GLY E 56 -1.13 5.45 -23.60
N THR E 57 -2.35 5.46 -24.13
CA THR E 57 -2.73 4.57 -25.22
C THR E 57 -3.63 5.33 -26.18
N ILE E 58 -3.24 5.36 -27.45
CA ILE E 58 -3.99 6.03 -28.50
C ILE E 58 -4.23 5.04 -29.63
N TYR E 59 -5.46 4.97 -30.12
CA TYR E 59 -5.83 4.04 -31.18
C TYR E 59 -6.53 4.79 -32.31
N TYR E 60 -6.41 4.23 -33.51
CA TYR E 60 -7.02 4.79 -34.71
C TYR E 60 -7.68 3.67 -35.50
N ALA E 61 -8.74 4.02 -36.23
CA ALA E 61 -9.41 3.07 -37.09
C ALA E 61 -8.69 2.94 -38.42
N ASP E 62 -8.84 1.76 -39.04
CA ASP E 62 -8.19 1.51 -40.32
C ASP E 62 -8.57 2.56 -41.35
N THR E 63 -9.80 3.05 -41.31
CA THR E 63 -10.25 4.06 -42.27
C THR E 63 -9.56 5.41 -42.05
N VAL E 64 -9.01 5.66 -40.86
CA VAL E 64 -8.34 6.92 -40.55
C VAL E 64 -6.96 6.72 -39.95
N LYS E 65 -6.49 5.47 -39.83
CA LYS E 65 -5.18 5.23 -39.23
C LYS E 65 -4.08 5.86 -40.08
N GLY E 66 -3.30 6.75 -39.46
CA GLY E 66 -2.18 7.39 -40.10
C GLY E 66 -2.49 8.73 -40.75
N ARG E 67 -3.73 8.93 -41.19
CA ARG E 67 -4.08 10.17 -41.87
C ARG E 67 -4.41 11.28 -40.88
N PHE E 68 -5.29 11.00 -39.93
CA PHE E 68 -5.70 11.98 -38.93
C PHE E 68 -4.86 11.81 -37.67
N THR E 69 -4.82 12.87 -36.85
CA THR E 69 -4.01 12.88 -35.63
C THR E 69 -4.84 13.43 -34.49
N ILE E 70 -5.21 12.57 -33.55
CA ILE E 70 -5.95 12.98 -32.37
C ILE E 70 -4.97 13.22 -31.24
N SER E 71 -5.04 14.41 -30.63
CA SER E 71 -4.19 14.75 -29.49
C SER E 71 -5.09 15.13 -28.32
N ARG E 72 -4.47 15.21 -27.13
CA ARG E 72 -5.20 15.49 -25.90
C ARG E 72 -4.43 16.50 -25.08
N ASP E 73 -5.17 17.41 -24.44
CA ASP E 73 -4.60 18.45 -23.60
C ASP E 73 -5.41 18.48 -22.29
N ASP E 74 -4.90 17.76 -21.29
CA ASP E 74 -5.61 17.71 -20.01
C ASP E 74 -5.40 18.98 -19.20
N PRO E 75 -4.19 19.52 -19.06
CA PRO E 75 -4.04 20.78 -18.31
C PRO E 75 -4.96 21.88 -18.78
N LYS E 76 -5.16 22.00 -20.09
CA LYS E 76 -6.09 22.97 -20.64
C LYS E 76 -7.53 22.45 -20.68
N ASN E 77 -7.72 21.14 -20.51
CA ASN E 77 -9.06 20.54 -20.55
C ASN E 77 -9.70 20.75 -21.91
N THR E 78 -8.95 20.43 -22.98
CA THR E 78 -9.43 20.61 -24.34
C THR E 78 -8.95 19.44 -25.19
N LEU E 79 -9.80 19.00 -26.12
CA LEU E 79 -9.48 17.91 -27.03
C LEU E 79 -9.23 18.48 -28.41
N PHE E 80 -8.25 17.92 -29.11
CA PHE E 80 -7.85 18.42 -30.42
C PHE E 80 -7.75 17.29 -31.43
N LEU E 81 -8.16 17.57 -32.66
CA LEU E 81 -8.12 16.60 -33.75
C LEU E 81 -7.64 17.31 -35.00
N GLN E 82 -6.41 17.00 -35.43
CA GLN E 82 -5.85 17.56 -36.65
C GLN E 82 -6.20 16.64 -37.82
N MET E 83 -6.85 17.18 -38.83
CA MET E 83 -7.26 16.46 -40.02
C MET E 83 -6.46 17.05 -41.18
N THR E 84 -5.46 16.31 -41.64
CA THR E 84 -4.56 16.83 -42.67
C THR E 84 -5.20 16.74 -44.06
N SER E 85 -5.55 15.53 -44.49
CA SER E 85 -6.14 15.31 -45.80
C SER E 85 -7.64 15.06 -45.66
N LEU E 86 -8.40 15.52 -46.66
CA LEU E 86 -9.84 15.38 -46.69
C LEU E 86 -10.26 14.73 -48.00
N ARG E 87 -11.06 13.68 -47.90
CA ARG E 87 -11.58 12.97 -49.06
C ARG E 87 -13.02 13.39 -49.34
N SER E 88 -13.53 12.96 -50.49
CA SER E 88 -14.89 13.29 -50.89
C SER E 88 -15.95 12.58 -50.06
N GLU E 89 -15.55 11.64 -49.20
CA GLU E 89 -16.50 10.91 -48.37
C GLU E 89 -16.27 11.13 -46.88
N ASP E 90 -15.39 12.05 -46.51
CA ASP E 90 -15.12 12.33 -45.10
C ASP E 90 -16.12 13.30 -44.48
N THR E 91 -16.95 13.96 -45.30
CA THR E 91 -17.93 14.89 -44.76
C THR E 91 -18.88 14.18 -43.81
N ALA E 92 -18.89 14.63 -42.55
CA ALA E 92 -19.74 14.02 -41.53
C ALA E 92 -19.63 14.85 -40.26
N MET E 93 -20.67 14.78 -39.44
CA MET E 93 -20.71 15.49 -38.18
C MET E 93 -19.95 14.68 -37.12
N TYR E 94 -18.86 15.24 -36.62
CA TYR E 94 -18.03 14.56 -35.63
C TYR E 94 -18.51 14.91 -34.22
N TYR E 95 -18.82 13.88 -33.43
CA TYR E 95 -19.31 14.04 -32.07
C TYR E 95 -18.29 13.50 -31.08
N CYS E 96 -18.07 14.26 -30.01
CA CYS E 96 -17.19 13.83 -28.93
C CYS E 96 -18.00 13.16 -27.84
N VAL E 97 -17.53 12.00 -27.37
CA VAL E 97 -18.24 11.20 -26.40
C VAL E 97 -17.28 10.84 -25.27
N ARG E 98 -17.74 10.97 -24.03
CA ARG E 98 -16.94 10.59 -22.88
C ARG E 98 -16.94 9.07 -22.70
N SER E 99 -15.88 8.57 -22.09
CA SER E 99 -15.77 7.14 -21.82
C SER E 99 -14.76 6.92 -20.71
N ILE E 100 -15.20 6.31 -19.61
CA ILE E 100 -14.33 5.95 -18.51
C ILE E 100 -14.43 4.44 -18.29
N TYR E 101 -13.31 3.81 -17.95
CA TYR E 101 -13.22 2.36 -17.86
C TYR E 101 -12.96 1.96 -16.41
N TYR E 102 -13.93 1.30 -15.78
CA TYR E 102 -13.77 0.72 -14.46
C TYR E 102 -14.97 -0.16 -14.19
N TYR E 103 -14.83 -1.04 -13.20
CA TYR E 103 -15.90 -1.97 -12.87
C TYR E 103 -17.17 -1.20 -12.51
N GLY E 104 -18.23 -1.43 -13.28
CA GLY E 104 -19.48 -0.73 -13.08
C GLY E 104 -19.58 0.60 -13.78
N SER E 105 -18.69 0.89 -14.73
CA SER E 105 -18.70 2.15 -15.43
C SER E 105 -19.80 2.19 -16.47
N SER E 106 -20.15 3.41 -16.90
CA SER E 106 -21.14 3.65 -17.94
C SER E 106 -20.50 4.50 -19.04
N PRO E 107 -19.57 3.91 -19.80
CA PRO E 107 -18.91 4.68 -20.86
C PRO E 107 -19.87 5.06 -21.98
N PHE E 108 -19.46 6.08 -22.74
CA PHE E 108 -20.26 6.59 -23.84
C PHE E 108 -21.63 7.07 -23.37
N ASP E 109 -21.68 7.61 -22.15
CA ASP E 109 -22.95 8.06 -21.60
C ASP E 109 -23.36 9.44 -22.11
N PHE E 110 -22.38 10.35 -22.25
CA PHE E 110 -22.63 11.71 -22.68
C PHE E 110 -22.10 11.90 -24.09
N TRP E 111 -22.92 12.51 -24.95
CA TRP E 111 -22.57 12.79 -26.33
C TRP E 111 -22.59 14.29 -26.57
N GLY E 112 -21.51 14.81 -27.13
CA GLY E 112 -21.42 16.23 -27.41
C GLY E 112 -22.33 16.65 -28.55
N GLN E 113 -22.50 17.97 -28.68
CA GLN E 113 -23.35 18.51 -29.73
C GLN E 113 -22.75 18.26 -31.11
N GLY E 114 -21.42 18.16 -31.21
CA GLY E 114 -20.77 17.91 -32.47
C GLY E 114 -20.65 19.16 -33.32
N THR E 115 -19.93 19.02 -34.43
CA THR E 115 -19.72 20.11 -35.37
C THR E 115 -19.86 19.57 -36.79
N THR E 116 -20.42 20.40 -37.67
CA THR E 116 -20.64 20.02 -39.06
C THR E 116 -19.41 20.39 -39.88
N LEU E 117 -18.83 19.39 -40.55
CA LEU E 117 -17.66 19.57 -41.39
C LEU E 117 -18.02 19.18 -42.82
N THR E 118 -17.81 20.10 -43.75
CA THR E 118 -18.15 19.89 -45.15
C THR E 118 -16.89 19.98 -46.00
N VAL E 119 -16.70 19.00 -46.88
CA VAL E 119 -15.55 18.93 -47.77
C VAL E 119 -16.06 19.13 -49.20
N SER E 120 -15.60 20.20 -49.83
CA SER E 120 -16.00 20.51 -51.20
C SER E 120 -15.52 19.43 -52.16
N ASP E 138 -13.03 -7.01 -38.62
CA ASP E 138 -13.92 -6.21 -37.80
C ASP E 138 -15.26 -6.91 -37.63
N ILE E 139 -15.80 -6.85 -36.41
CA ILE E 139 -17.08 -7.47 -36.11
C ILE E 139 -18.18 -6.70 -36.83
N VAL E 140 -19.00 -7.42 -37.60
CA VAL E 140 -20.09 -6.81 -38.35
C VAL E 140 -21.36 -6.83 -37.50
N MET E 141 -22.02 -5.68 -37.40
CA MET E 141 -23.27 -5.54 -36.66
C MET E 141 -24.37 -5.17 -37.65
N THR E 142 -25.49 -5.89 -37.58
CA THR E 142 -26.59 -5.68 -38.51
C THR E 142 -27.92 -5.74 -37.78
N GLN E 143 -28.80 -4.78 -38.09
CA GLN E 143 -30.14 -4.74 -37.54
C GLN E 143 -31.13 -5.31 -38.55
N ALA E 144 -32.01 -6.19 -38.09
CA ALA E 144 -32.96 -6.84 -38.99
C ALA E 144 -33.86 -5.81 -39.67
N THR E 145 -34.62 -5.07 -38.87
CA THR E 145 -35.55 -4.07 -39.38
C THR E 145 -34.96 -2.67 -39.23
N SER E 146 -35.24 -1.81 -40.20
CA SER E 146 -34.78 -0.43 -40.19
C SER E 146 -35.88 0.55 -39.79
N SER E 147 -37.03 0.49 -40.44
CA SER E 147 -38.17 1.34 -40.14
C SER E 147 -39.33 0.46 -39.66
N VAL E 148 -39.84 0.75 -38.48
CA VAL E 148 -40.94 -0.01 -37.89
C VAL E 148 -42.01 0.96 -37.42
N PRO E 149 -42.87 1.46 -38.30
CA PRO E 149 -43.93 2.37 -37.85
C PRO E 149 -44.82 1.73 -36.79
N VAL E 150 -44.99 2.43 -35.68
CA VAL E 150 -45.80 1.96 -34.57
C VAL E 150 -46.33 3.16 -33.81
N THR E 151 -47.57 3.05 -33.32
CA THR E 151 -48.18 4.14 -32.57
C THR E 151 -47.74 4.11 -31.12
N PRO E 152 -47.79 5.24 -30.42
CA PRO E 152 -47.41 5.26 -29.01
C PRO E 152 -48.29 4.34 -28.18
N GLY E 153 -47.71 3.82 -27.10
CA GLY E 153 -48.45 2.96 -26.19
C GLY E 153 -48.11 1.49 -26.37
N GLU E 154 -47.94 1.06 -27.62
CA GLU E 154 -47.63 -0.34 -27.90
C GLU E 154 -46.13 -0.59 -27.74
N SER E 155 -45.81 -1.76 -27.22
CA SER E 155 -44.41 -2.13 -27.02
C SER E 155 -43.69 -2.24 -28.36
N VAL E 156 -42.37 -2.15 -28.30
CA VAL E 156 -41.52 -2.21 -29.50
C VAL E 156 -40.35 -3.14 -29.23
N SER E 157 -39.83 -3.73 -30.29
CA SER E 157 -38.69 -4.65 -30.20
C SER E 157 -37.76 -4.42 -31.39
N ILE E 158 -36.48 -4.24 -31.10
CA ILE E 158 -35.45 -4.02 -32.13
C ILE E 158 -34.43 -5.13 -31.99
N SER E 159 -34.26 -5.92 -33.04
CA SER E 159 -33.34 -7.04 -33.04
C SER E 159 -32.01 -6.65 -33.69
N CYS E 160 -30.93 -7.28 -33.23
CA CYS E 160 -29.59 -7.01 -33.74
C CYS E 160 -28.79 -8.31 -33.76
N ARG E 161 -27.85 -8.38 -34.69
CA ARG E 161 -27.02 -9.56 -34.88
C ARG E 161 -25.56 -9.15 -35.06
N SER E 162 -24.67 -9.86 -34.39
CA SER E 162 -23.23 -9.61 -34.46
C SER E 162 -22.54 -10.78 -35.14
N SER E 163 -21.57 -10.47 -35.99
CA SER E 163 -20.85 -11.52 -36.71
C SER E 163 -20.06 -12.40 -35.75
N LYS E 164 -19.49 -11.82 -34.71
CA LYS E 164 -18.69 -12.53 -33.73
C LYS E 164 -19.36 -12.49 -32.37
N SER E 165 -19.21 -13.59 -31.62
CA SER E 165 -19.81 -13.69 -30.29
C SER E 165 -19.19 -12.66 -29.35
N LEU E 166 -20.00 -11.71 -28.88
CA LEU E 166 -19.51 -10.67 -27.99
C LEU E 166 -19.35 -11.15 -26.56
N LEU E 167 -19.91 -12.31 -26.21
CA LEU E 167 -19.79 -12.85 -24.86
C LEU E 167 -18.33 -13.22 -24.60
N HIS E 168 -17.69 -12.50 -23.69
CA HIS E 168 -16.29 -12.74 -23.36
C HIS E 168 -16.18 -13.72 -22.20
N SER E 169 -15.00 -14.36 -22.12
CA SER E 169 -14.78 -15.40 -21.10
C SER E 169 -14.97 -14.85 -19.69
N ASN E 170 -14.84 -13.55 -19.48
CA ASN E 170 -15.02 -12.99 -18.15
C ASN E 170 -16.43 -13.24 -17.62
N GLY E 171 -17.43 -13.21 -18.49
CA GLY E 171 -18.80 -13.46 -18.09
C GLY E 171 -19.72 -12.28 -18.32
N ASN E 172 -19.39 -11.44 -19.30
CA ASN E 172 -20.22 -10.30 -19.65
C ASN E 172 -20.23 -10.12 -21.16
N THR E 173 -21.21 -9.36 -21.64
CA THR E 173 -21.38 -9.09 -23.07
C THR E 173 -21.16 -7.60 -23.31
N TYR E 174 -20.24 -7.28 -24.20
CA TYR E 174 -19.92 -5.89 -24.53
C TYR E 174 -20.88 -5.42 -25.62
N LEU E 175 -21.96 -4.75 -25.19
CA LEU E 175 -22.96 -4.24 -26.10
C LEU E 175 -23.45 -2.89 -25.57
N TYR E 176 -23.74 -1.98 -26.51
CA TYR E 176 -24.23 -0.66 -26.16
C TYR E 176 -25.30 -0.23 -27.16
N TRP E 177 -26.29 0.48 -26.65
CA TRP E 177 -27.39 1.01 -27.46
C TRP E 177 -27.44 2.52 -27.27
N PHE E 178 -27.62 3.26 -28.37
CA PHE E 178 -27.66 4.71 -28.34
C PHE E 178 -28.89 5.21 -29.09
N LEU E 179 -29.61 6.14 -28.47
CA LEU E 179 -30.82 6.71 -29.05
C LEU E 179 -30.53 8.14 -29.46
N GLN E 180 -30.63 8.41 -30.76
CA GLN E 180 -30.40 9.74 -31.32
C GLN E 180 -31.74 10.29 -31.80
N ARG E 181 -32.15 11.42 -31.23
CA ARG E 181 -33.40 12.05 -31.59
C ARG E 181 -33.16 13.15 -32.62
N PRO E 182 -34.21 13.60 -33.30
CA PRO E 182 -34.04 14.68 -34.30
C PRO E 182 -33.45 15.93 -33.65
N GLY E 183 -32.32 16.37 -34.17
CA GLY E 183 -31.67 17.56 -33.65
C GLY E 183 -31.00 17.37 -32.30
N GLN E 184 -30.77 16.13 -31.89
CA GLN E 184 -30.12 15.84 -30.61
C GLN E 184 -29.10 14.73 -30.80
N SER E 185 -28.07 14.74 -29.98
CA SER E 185 -27.02 13.75 -30.05
C SER E 185 -27.49 12.42 -29.48
N PRO E 186 -26.81 11.32 -29.80
CA PRO E 186 -27.22 10.02 -29.26
C PRO E 186 -27.18 10.02 -27.75
N GLN E 187 -28.03 9.16 -27.16
CA GLN E 187 -28.13 9.01 -25.71
C GLN E 187 -27.99 7.54 -25.36
N LEU E 188 -27.09 7.25 -24.41
CA LEU E 188 -26.87 5.88 -23.98
C LEU E 188 -28.08 5.36 -23.22
N LEU E 189 -28.68 4.27 -23.71
CA LEU E 189 -29.82 3.67 -23.06
C LEU E 189 -29.40 2.55 -22.10
N ILE E 190 -28.73 1.53 -22.63
CA ILE E 190 -28.31 0.38 -21.84
C ILE E 190 -26.89 0.01 -22.23
N TYR E 191 -26.07 -0.33 -21.24
CA TYR E 191 -24.69 -0.75 -21.46
C TYR E 191 -24.48 -2.14 -20.87
N ARG E 192 -23.63 -2.92 -21.54
CA ARG E 192 -23.32 -4.29 -21.19
C ARG E 192 -24.51 -5.24 -21.32
N MET E 193 -25.60 -4.78 -21.93
CA MET E 193 -26.77 -5.62 -22.18
C MET E 193 -27.53 -5.95 -20.91
N SER E 194 -27.03 -5.48 -19.76
CA SER E 194 -27.68 -5.78 -18.48
C SER E 194 -27.77 -4.67 -17.45
N ASN E 195 -27.34 -3.44 -17.76
CA ASN E 195 -27.36 -2.33 -16.83
C ASN E 195 -27.98 -1.13 -17.52
N LEU E 196 -29.08 -0.62 -16.95
CA LEU E 196 -29.74 0.54 -17.52
C LEU E 196 -28.94 1.80 -17.23
N ALA E 197 -28.76 2.63 -18.26
CA ALA E 197 -28.01 3.87 -18.08
C ALA E 197 -28.72 4.78 -17.10
N SER E 198 -27.92 5.52 -16.32
CA SER E 198 -28.47 6.42 -15.32
C SER E 198 -29.24 7.55 -15.99
N GLY E 199 -30.45 7.82 -15.49
CA GLY E 199 -31.29 8.87 -16.03
C GLY E 199 -32.23 8.44 -17.12
N VAL E 200 -32.09 7.22 -17.64
CA VAL E 200 -32.97 6.73 -18.70
C VAL E 200 -34.17 6.05 -18.07
N PRO E 201 -35.38 6.21 -18.61
CA PRO E 201 -36.54 5.54 -18.02
C PRO E 201 -36.36 4.02 -18.02
N ASP E 202 -37.06 3.36 -17.10
CA ASP E 202 -36.99 1.91 -17.00
C ASP E 202 -37.77 1.20 -18.10
N ARG E 203 -38.46 1.94 -18.98
CA ARG E 203 -39.22 1.30 -20.05
C ARG E 203 -38.30 0.52 -20.99
N PHE E 204 -37.05 0.95 -21.14
CA PHE E 204 -36.12 0.29 -22.03
C PHE E 204 -35.49 -0.91 -21.33
N SER E 205 -35.32 -2.00 -22.07
CA SER E 205 -34.66 -3.20 -21.55
C SER E 205 -33.86 -3.84 -22.67
N GLY E 206 -32.78 -4.52 -22.31
CA GLY E 206 -31.94 -5.17 -23.29
C GLY E 206 -31.61 -6.59 -22.88
N SER E 207 -31.56 -7.48 -23.86
CA SER E 207 -31.19 -8.86 -23.62
C SER E 207 -30.49 -9.40 -24.86
N GLY E 208 -29.97 -10.61 -24.74
CA GLY E 208 -29.29 -11.24 -25.86
C GLY E 208 -28.60 -12.51 -25.43
N SER E 209 -28.11 -13.24 -26.43
CA SER E 209 -27.45 -14.52 -26.18
C SER E 209 -26.43 -14.76 -27.29
N GLY E 210 -25.16 -14.47 -27.01
CA GLY E 210 -24.08 -14.78 -27.92
C GLY E 210 -23.94 -13.78 -29.05
N THR E 211 -24.85 -13.86 -30.03
CA THR E 211 -24.82 -12.97 -31.19
C THR E 211 -26.16 -12.31 -31.50
N ALA E 212 -27.27 -12.87 -31.06
CA ALA E 212 -28.59 -12.28 -31.28
C ALA E 212 -28.98 -11.49 -30.04
N PHE E 213 -29.28 -10.21 -30.22
CA PHE E 213 -29.65 -9.32 -29.13
C PHE E 213 -30.96 -8.61 -29.46
N THR E 214 -31.64 -8.16 -28.43
CA THR E 214 -32.95 -7.53 -28.59
C THR E 214 -33.10 -6.40 -27.57
N LEU E 215 -33.56 -5.25 -28.06
CA LEU E 215 -33.87 -4.09 -27.24
C LEU E 215 -35.39 -3.93 -27.23
N THR E 216 -36.00 -4.08 -26.07
CA THR E 216 -37.43 -4.02 -25.90
C THR E 216 -37.84 -2.73 -25.21
N ILE E 217 -39.01 -2.21 -25.57
CA ILE E 217 -39.59 -1.01 -24.99
C ILE E 217 -41.03 -1.33 -24.61
N SER E 218 -41.34 -1.21 -23.32
CA SER E 218 -42.67 -1.57 -22.83
C SER E 218 -43.74 -0.72 -23.51
N ARG E 219 -43.56 0.59 -23.49
CA ARG E 219 -44.53 1.51 -24.10
C ARG E 219 -43.78 2.65 -24.75
N LEU E 220 -44.02 2.84 -26.05
CA LEU E 220 -43.36 3.91 -26.80
C LEU E 220 -44.04 5.25 -26.52
N GLU E 221 -43.23 6.30 -26.45
CA GLU E 221 -43.70 7.65 -26.20
C GLU E 221 -43.11 8.59 -27.24
N ALA E 222 -43.58 9.84 -27.19
CA ALA E 222 -43.08 10.84 -28.14
C ALA E 222 -41.58 11.06 -27.98
N GLU E 223 -41.08 11.00 -26.73
CA GLU E 223 -39.66 11.18 -26.50
C GLU E 223 -38.83 10.03 -27.07
N ASP E 224 -39.45 8.89 -27.37
CA ASP E 224 -38.72 7.76 -27.91
C ASP E 224 -38.53 7.85 -29.42
N VAL E 225 -39.13 8.84 -30.08
CA VAL E 225 -38.96 8.98 -31.52
C VAL E 225 -37.50 9.25 -31.82
N GLY E 226 -36.91 8.44 -32.69
CA GLY E 226 -35.52 8.60 -33.04
C GLY E 226 -34.95 7.31 -33.62
N VAL E 227 -33.63 7.29 -33.73
CA VAL E 227 -32.90 6.16 -34.29
C VAL E 227 -32.11 5.48 -33.19
N TYR E 228 -32.17 4.15 -33.14
CA TYR E 228 -31.45 3.33 -32.19
C TYR E 228 -30.27 2.69 -32.92
N TYR E 229 -29.06 2.97 -32.44
CA TYR E 229 -27.83 2.40 -33.00
C TYR E 229 -27.21 1.43 -32.00
N CYS E 230 -26.66 0.35 -32.51
CA CYS E 230 -25.97 -0.65 -31.70
C CYS E 230 -24.47 -0.49 -31.85
N MET E 231 -23.74 -0.91 -30.81
CA MET E 231 -22.29 -0.83 -30.82
C MET E 231 -21.72 -2.01 -30.03
N GLN E 232 -20.67 -2.62 -30.58
CA GLN E 232 -19.95 -3.69 -29.90
C GLN E 232 -18.59 -3.16 -29.45
N HIS E 233 -18.19 -3.53 -28.24
CA HIS E 233 -16.95 -3.05 -27.65
C HIS E 233 -16.05 -4.21 -27.24
N LEU E 234 -16.09 -5.31 -27.99
CA LEU E 234 -15.24 -6.45 -27.66
C LEU E 234 -13.79 -6.19 -28.05
N GLU E 235 -13.55 -5.34 -29.04
CA GLU E 235 -12.21 -5.04 -29.52
C GLU E 235 -12.12 -3.58 -29.93
N TYR E 236 -10.96 -3.20 -30.45
CA TYR E 236 -10.68 -1.81 -30.84
C TYR E 236 -11.56 -1.37 -32.00
N PRO E 237 -11.62 -2.12 -33.11
CA PRO E 237 -12.40 -1.64 -34.28
C PRO E 237 -13.91 -1.67 -34.05
N LEU E 238 -14.40 -0.63 -33.37
CA LEU E 238 -15.82 -0.51 -33.11
C LEU E 238 -16.59 -0.36 -34.43
N THR E 239 -17.74 -1.03 -34.51
CA THR E 239 -18.60 -0.98 -35.68
C THR E 239 -20.03 -0.70 -35.25
N PHE E 240 -20.71 0.15 -36.01
CA PHE E 240 -22.09 0.53 -35.74
C PHE E 240 -23.01 0.01 -36.84
N GLY E 241 -24.24 -0.33 -36.46
CA GLY E 241 -25.22 -0.83 -37.40
C GLY E 241 -25.90 0.30 -38.16
N ALA E 242 -26.78 -0.10 -39.08
CA ALA E 242 -27.51 0.87 -39.89
C ALA E 242 -28.38 1.77 -39.02
N GLY E 243 -28.90 1.24 -37.91
CA GLY E 243 -29.75 2.01 -37.02
C GLY E 243 -31.22 1.87 -37.35
N THR E 244 -32.03 1.51 -36.34
CA THR E 244 -33.46 1.32 -36.52
C THR E 244 -34.18 2.59 -36.12
N LYS E 245 -34.92 3.17 -37.06
CA LYS E 245 -35.64 4.41 -36.83
C LYS E 245 -37.10 4.11 -36.48
N LEU E 246 -37.63 4.87 -35.52
CA LEU E 246 -39.01 4.72 -35.09
C LEU E 246 -39.71 6.07 -35.20
N GLU E 247 -40.89 6.07 -35.81
CA GLU E 247 -41.69 7.27 -35.96
C GLU E 247 -43.16 6.93 -35.80
N LEU E 248 -43.89 7.76 -35.08
CA LEU E 248 -45.31 7.54 -34.85
C LEU E 248 -46.08 7.56 -36.16
#